data_9JSP
#
_entry.id   9JSP
#
_cell.length_a   1.00
_cell.length_b   1.00
_cell.length_c   1.00
_cell.angle_alpha   90.00
_cell.angle_beta   90.00
_cell.angle_gamma   90.00
#
_symmetry.space_group_name_H-M   'P 1'
#
loop_
_entity.id
_entity.type
_entity.pdbx_description
1 polymer Ago
2 polymer DREN-APAZ
3 polymer "RNA (5'-R(P*AP*UP*AP*CP*UP*GP*CP*AP*CP*AP*GP*CP*UP*GP*AP*CP*GP*AP*UP*A)-3')"
4 polymer "DNA (5'-D(P*GP*CP*TP*GP*TP*GP*CP*AP*GP*TP*AP*TP*T)-3')"
5 non-polymer 'MAGNESIUM ION'
#
loop_
_entity_poly.entity_id
_entity_poly.type
_entity_poly.pdbx_seq_one_letter_code
_entity_poly.pdbx_strand_id
1 'polypeptide(L)'
;MTFETRIFDEPELEFGDHHHHQDPRLGLSEAGPLQTFLGDVIKIGVVGNSKTIEDTRKFIETVSSGVEGKGEKHPNMHPP
FPGLGNQSPYRCRFEIEDGATAALTKSKLDKIGKEPDHYRAVEMAVDEIIGELQAMDDGGSRPDVAIIALPVKLLERVWN
AKVDARGTTEKSDSSGSDAPNFRGMLKAKAMGLSFPIQIVWEDVIDDKVTIPQKVKESSSRKIQDIAGRTWNLMTSLYYK
GSGRIPWRRMPLEGEFSACYVGISFYREADGQQLFTSAAQMFDERGRGFVLKGRRARTESRGRHPYMAREDAKKIIEDVL
AAYKLHHKTLPARVFILKTSRFKDEEADGIIAALDEAGTELRDLVWVQESYTARILRDGNYPVLRGTFVDLHGKGLLYTS
GSMPYYGTYPGKYDPNPLLLCPHHTSESTVAQLAEEIFSLTKVNWNSTQMNQRLPIPIRAARKVGEVLKYVGEGEVISAD
YRKYI
;
A
2 'polypeptide(L)'
;MTKKITANQIIGEIGENEVRGRFLTLGWQFDGRSRLEAGIDGIAEVMNEGQPMARMIAVQIKSTKEGKYTSESDTSFTYL
LRTQDLAYWRGSNLPVIVVFYRQSDHSFYWKEVSRDAGPGERRLNIDKVADLFNASTVNKLAALTVPKTGLGYYVPPLGG
GEDALINMLPLTLPNEMYIASTTYEPRKAIAVILNGDGPKRFDWVINGGTFWSFHDPRTSACSEIVDIDQVEAINTKELA
LHDDIDEQNRFSHLLRQTLRYQTDSDLGWDKDHKALYFRAIEREVSRNFAYTSSKKKTDANVVSVFKNSKDETRVSFVRH
HAFSPRFELMADQWYLIITPTYYYTTNGYAPHQFAAPLLAGKKRLDKSAALRGQVIMWHRFLTQSDHEDLFHSEETPEAY
LMFGEPPSIHLDVRVPEDGWVKEKVKRIDEAAQGEGLFSDDI
;
B
3 'polyribonucleotide' AUACUGCACAGCUGACGAUA G
4 'polydeoxyribonucleotide' (DG)(DC)(DT)(DG)(DT)(DG)(DC)(DA)(DG)(DT)(DA)(DT)(DT) T
#
loop_
_chem_comp.id
_chem_comp.type
_chem_comp.name
_chem_comp.formula
A RNA linking ADENOSINE-5'-MONOPHOSPHATE 'C10 H14 N5 O7 P'
C RNA linking CYTIDINE-5'-MONOPHOSPHATE 'C9 H14 N3 O8 P'
DA DNA linking 2'-DEOXYADENOSINE-5'-MONOPHOSPHATE 'C10 H14 N5 O6 P'
DC DNA linking 2'-DEOXYCYTIDINE-5'-MONOPHOSPHATE 'C9 H14 N3 O7 P'
DG DNA linking 2'-DEOXYGUANOSINE-5'-MONOPHOSPHATE 'C10 H14 N5 O7 P'
DT DNA linking THYMIDINE-5'-MONOPHOSPHATE 'C10 H15 N2 O8 P'
G RNA linking GUANOSINE-5'-MONOPHOSPHATE 'C10 H14 N5 O8 P'
MG non-polymer 'MAGNESIUM ION' 'Mg 2'
U RNA linking URIDINE-5'-MONOPHOSPHATE 'C9 H13 N2 O9 P'
#
# COMPACT_ATOMS: atom_id res chain seq x y z
N PHE A 3 -15.50 18.87 -11.61
CA PHE A 3 -14.31 18.28 -11.03
C PHE A 3 -13.09 19.15 -11.32
N GLU A 4 -12.69 19.97 -10.33
CA GLU A 4 -11.59 20.89 -10.50
C GLU A 4 -10.24 20.17 -10.39
N THR A 5 -9.29 20.60 -11.23
CA THR A 5 -8.00 19.96 -11.34
C THR A 5 -6.87 20.93 -10.98
N ARG A 6 -5.79 20.38 -10.44
CA ARG A 6 -4.58 21.16 -10.18
C ARG A 6 -3.39 20.21 -10.16
N ILE A 7 -2.21 20.78 -10.30
CA ILE A 7 -0.95 20.03 -10.23
C ILE A 7 -0.17 20.54 -9.03
N PHE A 8 0.76 19.70 -8.56
CA PHE A 8 1.57 20.03 -7.40
C PHE A 8 3.03 19.75 -7.69
N ASP A 9 3.91 20.52 -7.07
CA ASP A 9 5.35 20.35 -7.18
C ASP A 9 5.89 19.78 -5.87
N GLU A 10 6.93 18.95 -5.97
CA GLU A 10 7.46 18.27 -4.81
C GLU A 10 8.17 19.26 -3.88
N PRO A 11 8.03 19.10 -2.57
CA PRO A 11 8.69 20.04 -1.65
C PRO A 11 10.20 19.84 -1.64
N GLU A 12 10.89 20.93 -1.33
CA GLU A 12 12.34 20.90 -1.26
C GLU A 12 12.81 20.31 0.06
N LEU A 13 14.05 19.82 0.07
CA LEU A 13 14.64 19.18 1.24
C LEU A 13 15.77 20.06 1.77
N GLU A 14 15.80 20.25 3.09
CA GLU A 14 16.79 21.08 3.75
C GLU A 14 17.79 20.20 4.47
N PHE A 15 19.08 20.48 4.28
CA PHE A 15 20.15 19.74 4.93
C PHE A 15 20.94 20.62 5.90
N GLY A 16 21.51 21.72 5.42
CA GLY A 16 22.27 22.62 6.26
C GLY A 16 21.94 24.07 5.97
N ASP A 17 20.66 24.32 5.63
CA ASP A 17 20.14 25.62 5.20
C ASP A 17 20.86 26.13 3.95
N HIS A 18 21.34 25.20 3.12
CA HIS A 18 21.97 25.52 1.85
C HIS A 18 21.52 24.49 0.82
N HIS A 19 21.47 24.94 -0.44
CA HIS A 19 21.23 24.09 -1.61
C HIS A 19 19.88 23.36 -1.50
N HIS A 20 18.81 24.15 -1.56
CA HIS A 20 17.46 23.61 -1.48
C HIS A 20 17.21 22.73 -2.70
N HIS A 21 17.24 21.42 -2.49
CA HIS A 21 17.16 20.45 -3.58
C HIS A 21 16.13 19.38 -3.25
N GLN A 22 15.57 18.81 -4.32
CA GLN A 22 14.63 17.70 -4.19
C GLN A 22 15.32 16.35 -4.10
N ASP A 23 16.49 16.21 -4.72
CA ASP A 23 17.18 14.93 -4.78
C ASP A 23 17.85 14.63 -3.45
N PRO A 24 17.58 13.48 -2.82
CA PRO A 24 18.27 13.15 -1.56
C PRO A 24 19.71 12.69 -1.76
N ARG A 25 20.13 12.43 -2.99
CA ARG A 25 21.50 12.00 -3.27
C ARG A 25 22.39 13.15 -3.72
N LEU A 26 21.92 13.97 -4.66
CA LEU A 26 22.68 15.15 -5.08
C LEU A 26 22.76 16.17 -3.96
N GLY A 27 21.70 16.28 -3.16
CA GLY A 27 21.66 17.15 -1.99
C GLY A 27 22.40 16.62 -0.80
N LEU A 28 22.95 15.42 -0.89
CA LEU A 28 23.98 14.93 0.02
C LEU A 28 25.38 15.10 -0.55
N SER A 29 25.51 14.90 -1.87
CA SER A 29 26.82 14.96 -2.51
C SER A 29 27.37 16.39 -2.52
N GLU A 30 26.56 17.36 -2.96
CA GLU A 30 27.01 18.76 -2.99
C GLU A 30 26.06 19.59 -2.14
N ALA A 31 26.29 19.56 -0.83
CA ALA A 31 25.62 20.39 0.17
C ALA A 31 26.33 20.14 1.50
N GLY A 32 25.78 20.72 2.56
CA GLY A 32 26.19 20.38 3.90
C GLY A 32 25.11 19.58 4.59
N PRO A 33 25.33 18.28 4.78
CA PRO A 33 24.31 17.42 5.40
C PRO A 33 24.05 17.81 6.85
N LEU A 34 22.88 17.38 7.33
CA LEU A 34 22.40 17.78 8.64
C LEU A 34 23.30 17.25 9.75
N GLN A 35 23.61 18.13 10.71
CA GLN A 35 24.45 17.83 11.89
C GLN A 35 25.81 17.26 11.47
N THR A 36 26.41 17.88 10.46
CA THR A 36 27.70 17.42 9.96
C THR A 36 28.83 17.83 10.91
N PHE A 37 29.99 17.22 10.72
CA PHE A 37 31.19 17.53 11.48
C PHE A 37 32.37 17.56 10.53
N LEU A 38 33.55 17.86 11.07
CA LEU A 38 34.75 17.87 10.24
C LEU A 38 35.17 16.46 9.82
N GLY A 39 35.01 15.50 10.73
CA GLY A 39 35.23 14.10 10.40
C GLY A 39 34.80 13.19 11.53
N ASP A 40 33.97 12.20 11.22
CA ASP A 40 33.45 11.27 12.21
C ASP A 40 33.76 9.84 11.78
N VAL A 41 33.89 8.96 12.76
CA VAL A 41 34.15 7.55 12.53
C VAL A 41 32.94 6.74 12.98
N ILE A 42 32.55 5.78 12.15
CA ILE A 42 31.47 4.86 12.46
C ILE A 42 32.05 3.45 12.41
N LYS A 43 31.89 2.70 13.49
CA LYS A 43 32.47 1.37 13.61
C LYS A 43 31.46 0.32 13.19
N ILE A 44 31.89 -0.60 12.34
CA ILE A 44 31.03 -1.65 11.81
C ILE A 44 31.44 -2.98 12.43
N GLY A 45 30.46 -3.87 12.60
CA GLY A 45 30.71 -5.23 13.05
C GLY A 45 30.06 -6.26 12.16
N VAL A 46 30.78 -7.33 11.80
CA VAL A 46 30.32 -8.31 10.84
C VAL A 46 30.23 -9.67 11.51
N VAL A 47 29.18 -10.43 11.16
CA VAL A 47 28.94 -11.78 11.65
C VAL A 47 28.82 -12.71 10.45
N GLY A 48 29.54 -13.82 10.49
CA GLY A 48 29.48 -14.81 9.44
C GLY A 48 30.80 -15.56 9.35
N ASN A 49 30.86 -16.46 8.37
CA ASN A 49 32.08 -17.20 8.12
C ASN A 49 33.14 -16.28 7.52
N SER A 50 34.38 -16.79 7.44
CA SER A 50 35.54 -15.96 7.14
C SER A 50 35.49 -15.37 5.73
N LYS A 51 34.87 -16.08 4.78
CA LYS A 51 34.72 -15.54 3.43
C LYS A 51 33.83 -14.29 3.43
N THR A 52 32.75 -14.31 4.22
CA THR A 52 31.87 -13.15 4.30
C THR A 52 32.58 -11.96 4.94
N ILE A 53 33.38 -12.20 5.98
CA ILE A 53 34.11 -11.11 6.63
C ILE A 53 35.15 -10.53 5.68
N GLU A 54 35.85 -11.40 4.93
CA GLU A 54 36.83 -10.94 3.96
C GLU A 54 36.18 -10.11 2.85
N ASP A 55 35.03 -10.56 2.36
CA ASP A 55 34.30 -9.82 1.33
C ASP A 55 33.80 -8.48 1.87
N THR A 56 33.33 -8.46 3.13
CA THR A 56 32.84 -7.22 3.73
C THR A 56 33.97 -6.21 3.90
N ARG A 57 35.13 -6.65 4.37
CA ARG A 57 36.27 -5.74 4.51
C ARG A 57 36.75 -5.25 3.15
N LYS A 58 36.75 -6.14 2.14
CA LYS A 58 37.13 -5.73 0.79
C LYS A 58 36.18 -4.69 0.24
N PHE A 59 34.86 -4.88 0.44
CA PHE A 59 33.88 -3.93 -0.04
C PHE A 59 34.03 -2.57 0.65
N ILE A 60 34.22 -2.59 1.98
CA ILE A 60 34.34 -1.35 2.74
C ILE A 60 35.59 -0.57 2.35
N GLU A 61 36.71 -1.27 2.16
CA GLU A 61 37.94 -0.56 1.78
C GLU A 61 38.08 -0.34 0.28
N THR A 62 37.17 -0.87 -0.54
CA THR A 62 37.22 -0.55 -1.97
C THR A 62 36.19 0.49 -2.40
N VAL A 63 35.13 0.72 -1.62
CA VAL A 63 34.19 1.77 -2.02
C VAL A 63 34.75 3.17 -1.82
N SER A 64 35.82 3.30 -1.02
CA SER A 64 36.40 4.62 -0.78
C SER A 64 37.14 5.17 -1.99
N SER A 65 37.51 4.31 -2.95
CA SER A 65 38.22 4.78 -4.13
C SER A 65 37.29 5.52 -5.08
N GLY A 66 36.08 4.99 -5.30
CA GLY A 66 35.15 5.64 -6.19
C GLY A 66 34.35 4.68 -7.05
N VAL A 67 33.08 5.02 -7.30
CA VAL A 67 32.18 4.21 -8.12
C VAL A 67 31.75 5.05 -9.31
N GLU A 68 31.50 4.38 -10.44
CA GLU A 68 31.14 5.05 -11.68
C GLU A 68 29.76 5.67 -11.60
N GLY A 69 29.52 6.63 -12.48
CA GLY A 69 28.32 7.45 -12.47
C GLY A 69 27.70 7.67 -13.83
N LYS A 70 27.71 6.63 -14.68
CA LYS A 70 27.29 6.77 -16.08
C LYS A 70 25.84 7.23 -16.19
N GLY A 71 24.92 6.53 -15.53
CA GLY A 71 23.53 6.95 -15.52
C GLY A 71 22.85 6.89 -16.88
N GLU A 72 22.59 5.68 -17.37
CA GLU A 72 21.98 5.53 -18.70
C GLU A 72 20.59 6.15 -18.75
N LYS A 73 19.79 5.93 -17.72
CA LYS A 73 18.48 6.55 -17.60
C LYS A 73 18.56 7.68 -16.57
N HIS A 74 18.56 8.93 -17.07
CA HIS A 74 18.60 10.16 -16.28
C HIS A 74 19.76 10.18 -15.29
N PRO A 75 20.99 10.51 -15.73
CA PRO A 75 22.15 10.40 -14.85
C PRO A 75 22.18 11.34 -13.65
N ASN A 76 21.14 12.15 -13.46
CA ASN A 76 20.93 12.89 -12.22
C ASN A 76 20.14 12.09 -11.20
N MET A 77 19.74 10.86 -11.53
CA MET A 77 19.12 9.97 -10.56
C MET A 77 20.09 9.60 -9.44
N HIS A 78 21.38 9.56 -9.75
CA HIS A 78 22.42 9.25 -8.79
C HIS A 78 23.72 9.95 -9.18
N PRO A 79 24.51 10.37 -8.22
CA PRO A 79 25.87 10.83 -8.52
C PRO A 79 26.85 9.68 -8.46
N PRO A 80 28.00 9.80 -9.11
CA PRO A 80 29.08 8.82 -8.89
C PRO A 80 29.55 8.89 -7.45
N PHE A 81 29.55 7.75 -6.78
CA PHE A 81 29.96 7.70 -5.38
C PHE A 81 31.47 7.85 -5.29
N PRO A 82 31.97 8.91 -4.65
CA PRO A 82 33.43 9.10 -4.55
C PRO A 82 34.06 8.54 -3.28
N GLY A 83 33.33 7.75 -2.51
CA GLY A 83 33.84 7.25 -1.25
C GLY A 83 33.72 8.27 -0.14
N LEU A 84 34.19 7.87 1.04
CA LEU A 84 34.11 8.72 2.23
C LEU A 84 35.47 9.32 2.58
N GLY A 85 36.25 9.69 1.56
CA GLY A 85 37.53 10.34 1.80
C GLY A 85 37.39 11.84 1.86
N ASN A 86 38.04 12.55 0.92
CA ASN A 86 37.91 14.00 0.87
C ASN A 86 36.52 14.42 0.44
N GLN A 87 35.97 13.74 -0.57
CA GLN A 87 34.61 14.03 -1.05
C GLN A 87 33.62 13.06 -0.40
N SER A 88 33.45 13.22 0.91
CA SER A 88 32.59 12.34 1.68
C SER A 88 31.16 12.86 1.63
N PRO A 89 30.20 12.11 1.08
CA PRO A 89 28.81 12.59 1.04
C PRO A 89 28.15 12.66 2.41
N TYR A 90 28.67 11.96 3.41
CA TYR A 90 28.15 12.02 4.77
C TYR A 90 29.13 12.67 5.72
N ARG A 91 30.26 13.18 5.22
CA ARG A 91 31.30 13.87 5.99
C ARG A 91 31.82 13.00 7.12
N CYS A 92 32.11 11.74 6.81
CA CYS A 92 32.56 10.76 7.80
C CYS A 92 33.61 9.87 7.17
N ARG A 93 34.13 8.93 7.98
CA ARG A 93 35.05 7.91 7.51
C ARG A 93 34.69 6.62 8.23
N PHE A 94 34.21 5.63 7.48
CA PHE A 94 33.82 4.36 8.06
C PHE A 94 35.05 3.57 8.51
N GLU A 95 34.87 2.74 9.54
CA GLU A 95 35.96 1.92 10.01
C GLU A 95 35.40 0.62 10.59
N ILE A 96 36.23 -0.41 10.57
CA ILE A 96 35.89 -1.72 11.09
C ILE A 96 36.95 -2.15 12.08
N GLU A 97 36.52 -2.58 13.26
CA GLU A 97 37.45 -3.02 14.29
C GLU A 97 37.84 -4.48 14.05
N ASP A 98 39.12 -4.80 14.30
CA ASP A 98 39.61 -6.15 14.03
C ASP A 98 39.02 -7.16 14.99
N GLY A 99 38.95 -6.83 16.28
CA GLY A 99 38.37 -7.74 17.25
C GLY A 99 36.86 -7.76 17.30
N ALA A 100 36.21 -6.85 16.57
CA ALA A 100 34.75 -6.80 16.58
C ALA A 100 34.15 -7.94 15.76
N THR A 101 34.71 -8.21 14.58
CA THR A 101 34.12 -9.16 13.65
C THR A 101 34.19 -10.58 14.18
N ALA A 102 33.09 -11.31 14.03
CA ALA A 102 32.93 -12.64 14.59
C ALA A 102 32.96 -13.70 13.50
N ALA A 103 33.00 -14.96 13.94
CA ALA A 103 33.04 -16.09 13.02
C ALA A 103 32.52 -17.33 13.72
N LEU A 104 31.72 -18.11 13.01
CA LEU A 104 31.17 -19.36 13.53
C LEU A 104 31.76 -20.53 12.76
N THR A 105 32.00 -21.63 13.47
CA THR A 105 32.70 -22.77 12.89
C THR A 105 31.78 -23.59 12.00
N LYS A 106 32.39 -24.50 11.25
CA LYS A 106 31.64 -25.34 10.31
C LYS A 106 30.78 -26.36 11.03
N SER A 107 31.17 -26.78 12.24
CA SER A 107 30.43 -27.81 12.96
C SER A 107 29.04 -27.33 13.38
N LYS A 108 28.95 -26.08 13.87
CA LYS A 108 27.65 -25.54 14.24
C LYS A 108 26.77 -25.34 13.02
N LEU A 109 27.35 -24.92 11.90
CA LEU A 109 26.57 -24.76 10.68
C LEU A 109 26.06 -26.10 10.15
N ASP A 110 26.88 -27.14 10.26
CA ASP A 110 26.42 -28.48 9.88
C ASP A 110 25.35 -29.01 10.82
N LYS A 111 25.46 -28.69 12.12
CA LYS A 111 24.43 -29.07 13.07
C LYS A 111 23.11 -28.37 12.77
N ILE A 112 23.18 -27.11 12.32
CA ILE A 112 21.98 -26.43 11.83
C ILE A 112 21.46 -27.13 10.57
N GLY A 113 22.35 -27.47 9.65
CA GLY A 113 22.01 -28.13 8.41
C GLY A 113 21.70 -29.61 8.51
N LYS A 114 21.61 -30.14 9.74
CA LYS A 114 21.11 -31.51 9.95
C LYS A 114 19.66 -31.66 9.46
N GLU A 115 18.89 -30.57 9.47
CA GLU A 115 17.50 -30.46 9.02
C GLU A 115 16.55 -31.41 9.75
N PRO A 116 16.26 -31.19 11.04
CA PRO A 116 15.17 -31.96 11.68
C PRO A 116 13.82 -31.53 11.15
N ASP A 117 13.56 -30.22 11.20
CA ASP A 117 12.35 -29.60 10.68
C ASP A 117 12.65 -28.11 10.51
N HIS A 118 11.68 -27.38 9.98
CA HIS A 118 11.87 -25.94 9.78
C HIS A 118 11.36 -25.12 10.96
N TYR A 119 11.71 -25.54 12.17
CA TYR A 119 11.60 -24.69 13.35
C TYR A 119 12.84 -24.77 14.24
N ARG A 120 13.39 -25.98 14.41
CA ARG A 120 14.45 -26.19 15.39
C ARG A 120 15.78 -25.66 14.90
N ALA A 121 16.10 -25.90 13.62
CA ALA A 121 17.29 -25.32 13.03
C ALA A 121 17.22 -23.81 12.99
N VAL A 122 16.01 -23.27 12.76
CA VAL A 122 15.82 -21.83 12.72
C VAL A 122 16.10 -21.22 14.10
N GLU A 123 15.52 -21.81 15.16
CA GLU A 123 15.76 -21.24 16.49
C GLU A 123 17.18 -21.49 16.98
N MET A 124 17.82 -22.59 16.54
CA MET A 124 19.21 -22.83 16.90
C MET A 124 20.13 -21.80 16.24
N ALA A 125 19.90 -21.52 14.95
CA ALA A 125 20.68 -20.47 14.30
C ALA A 125 20.41 -19.11 14.91
N VAL A 126 19.16 -18.86 15.33
CA VAL A 126 18.82 -17.60 16.00
C VAL A 126 19.62 -17.45 17.28
N ASP A 127 19.54 -18.46 18.15
CA ASP A 127 20.25 -18.39 19.43
C ASP A 127 21.73 -18.18 19.20
N GLU A 128 22.32 -18.99 18.33
CA GLU A 128 23.77 -18.87 18.08
C GLU A 128 24.13 -17.46 17.59
N ILE A 129 23.28 -16.87 16.74
CA ILE A 129 23.54 -15.51 16.28
C ILE A 129 23.49 -14.52 17.43
N ILE A 130 22.49 -14.64 18.32
CA ILE A 130 22.45 -13.74 19.47
C ILE A 130 23.56 -14.04 20.48
N GLY A 131 24.05 -15.28 20.55
CA GLY A 131 25.22 -15.54 21.37
C GLY A 131 26.46 -14.84 20.84
N GLU A 132 26.67 -14.90 19.52
CA GLU A 132 27.79 -14.15 18.91
C GLU A 132 27.62 -12.65 19.08
N LEU A 133 26.37 -12.16 18.98
CA LEU A 133 26.11 -10.74 19.17
C LEU A 133 26.32 -10.31 20.62
N GLN A 134 26.01 -11.18 21.58
CA GLN A 134 26.28 -10.87 22.97
C GLN A 134 27.77 -10.88 23.26
N ALA A 135 28.52 -11.77 22.60
CA ALA A 135 29.97 -11.72 22.69
C ALA A 135 30.53 -10.43 22.09
N MET A 136 29.91 -9.96 21.00
CA MET A 136 30.26 -8.66 20.44
C MET A 136 29.97 -7.52 21.43
N ASP A 137 28.81 -7.56 22.07
CA ASP A 137 28.36 -6.44 22.89
C ASP A 137 29.11 -6.39 24.21
N ASP A 138 29.39 -7.53 24.83
CA ASP A 138 30.06 -7.55 26.12
C ASP A 138 31.57 -7.36 26.02
N GLY A 139 32.13 -7.36 24.81
CA GLY A 139 33.54 -7.11 24.63
C GLY A 139 33.89 -5.64 24.67
N GLY A 140 35.17 -5.35 24.40
CA GLY A 140 35.63 -3.98 24.40
C GLY A 140 35.39 -3.24 23.10
N SER A 141 35.22 -3.96 21.99
CA SER A 141 34.99 -3.34 20.69
C SER A 141 33.49 -3.38 20.38
N ARG A 142 32.76 -2.47 21.03
CA ARG A 142 31.32 -2.38 20.82
C ARG A 142 31.03 -1.70 19.50
N PRO A 143 30.26 -2.33 18.60
CA PRO A 143 29.98 -1.71 17.31
C PRO A 143 28.72 -0.86 17.31
N ASP A 144 28.77 0.23 16.55
CA ASP A 144 27.61 1.10 16.42
C ASP A 144 26.52 0.45 15.57
N VAL A 145 26.88 -0.16 14.45
CA VAL A 145 25.96 -0.89 13.60
C VAL A 145 26.58 -2.25 13.27
N ALA A 146 25.78 -3.30 13.37
CA ALA A 146 26.23 -4.66 13.12
C ALA A 146 25.66 -5.16 11.80
N ILE A 147 26.52 -5.74 10.96
CA ILE A 147 26.10 -6.30 9.67
C ILE A 147 26.07 -7.81 9.82
N ILE A 148 24.93 -8.41 9.49
CA ILE A 148 24.76 -9.86 9.56
C ILE A 148 24.82 -10.37 8.12
N ALA A 149 26.03 -10.75 7.69
CA ALA A 149 26.25 -11.28 6.34
C ALA A 149 26.26 -12.79 6.42
N LEU A 150 25.06 -13.37 6.47
CA LEU A 150 24.92 -14.80 6.67
C LEU A 150 25.31 -15.55 5.41
N PRO A 151 25.94 -16.72 5.52
CA PRO A 151 26.42 -17.43 4.33
C PRO A 151 25.28 -18.12 3.58
N VAL A 152 25.61 -18.56 2.36
CA VAL A 152 24.61 -19.08 1.44
C VAL A 152 23.99 -20.38 1.94
N LYS A 153 24.77 -21.21 2.64
CA LYS A 153 24.23 -22.47 3.17
C LYS A 153 23.20 -22.21 4.26
N LEU A 154 23.52 -21.30 5.20
CA LEU A 154 22.54 -20.93 6.22
C LEU A 154 21.36 -20.18 5.61
N LEU A 155 21.61 -19.42 4.53
CA LEU A 155 20.52 -18.76 3.83
C LEU A 155 19.56 -19.77 3.22
N GLU A 156 20.09 -20.85 2.65
CA GLU A 156 19.23 -21.90 2.12
C GLU A 156 18.52 -22.68 3.23
N ARG A 157 19.19 -22.87 4.38
CA ARG A 157 18.55 -23.54 5.50
C ARG A 157 17.39 -22.73 6.06
N VAL A 158 17.55 -21.40 6.15
CA VAL A 158 16.44 -20.53 6.53
C VAL A 158 15.38 -20.52 5.43
N TRP A 159 15.80 -20.50 4.17
CA TRP A 159 14.95 -20.34 3.00
C TRP A 159 14.20 -21.60 2.63
N ASN A 160 14.49 -22.73 3.29
CA ASN A 160 13.85 -24.00 2.99
C ASN A 160 12.36 -24.00 3.32
N ALA A 161 11.91 -23.11 4.21
CA ALA A 161 10.50 -23.03 4.57
C ALA A 161 9.68 -22.40 3.43
N PRO A 180 8.46 -20.34 10.11
CA PRO A 180 8.41 -19.04 10.78
C PRO A 180 9.19 -17.97 10.03
N ASN A 181 9.58 -16.91 10.73
CA ASN A 181 10.40 -15.85 10.14
C ASN A 181 11.67 -15.69 10.97
N PHE A 182 12.82 -15.83 10.32
CA PHE A 182 14.10 -15.61 10.98
C PHE A 182 14.29 -14.15 11.34
N ARG A 183 13.86 -13.25 10.46
CA ARG A 183 14.08 -11.81 10.64
C ARG A 183 13.32 -11.29 11.85
N GLY A 184 12.09 -11.77 12.06
CA GLY A 184 11.29 -11.29 13.17
C GLY A 184 11.89 -11.64 14.52
N MET A 185 12.30 -12.89 14.69
CA MET A 185 12.93 -13.31 15.95
C MET A 185 14.30 -12.67 16.12
N LEU A 186 15.03 -12.47 15.01
CA LEU A 186 16.32 -11.80 15.09
C LEU A 186 16.17 -10.37 15.60
N LYS A 187 15.20 -9.62 15.06
CA LYS A 187 15.00 -8.25 15.51
C LYS A 187 14.38 -8.20 16.90
N ALA A 188 13.56 -9.21 17.26
CA ALA A 188 12.98 -9.25 18.59
C ALA A 188 14.04 -9.48 19.66
N LYS A 189 15.03 -10.34 19.37
CA LYS A 189 16.12 -10.52 20.31
C LYS A 189 17.11 -9.35 20.28
N ALA A 190 17.28 -8.70 19.14
CA ALA A 190 18.18 -7.56 19.06
C ALA A 190 17.57 -6.27 19.61
N MET A 191 16.26 -6.24 19.85
CA MET A 191 15.63 -5.08 20.46
C MET A 191 16.14 -4.82 21.87
N GLY A 192 16.47 -5.88 22.61
CA GLY A 192 17.06 -5.75 23.91
C GLY A 192 18.55 -5.43 23.93
N LEU A 193 19.18 -5.37 22.78
CA LEU A 193 20.60 -5.05 22.67
C LEU A 193 20.76 -3.54 22.58
N SER A 194 21.98 -3.09 22.25
CA SER A 194 22.28 -1.66 22.18
C SER A 194 22.52 -1.15 20.77
N PHE A 195 22.69 -2.03 19.78
CA PHE A 195 22.94 -1.61 18.42
C PHE A 195 21.96 -2.29 17.48
N PRO A 196 21.58 -1.62 16.39
CA PRO A 196 20.67 -2.25 15.43
C PRO A 196 21.40 -3.03 14.35
N ILE A 197 20.88 -4.21 14.06
CA ILE A 197 21.49 -5.08 13.06
C ILE A 197 21.11 -4.62 11.66
N GLN A 198 22.00 -4.89 10.70
CA GLN A 198 21.88 -4.42 9.32
C GLN A 198 22.15 -5.61 8.40
N ILE A 199 21.35 -6.67 8.58
CA ILE A 199 21.37 -7.91 7.80
C ILE A 199 21.51 -7.63 6.30
N VAL A 200 22.53 -8.21 5.68
CA VAL A 200 22.81 -8.02 4.26
C VAL A 200 23.20 -9.37 3.68
N TRP A 201 22.57 -9.76 2.57
CA TRP A 201 22.86 -11.05 1.97
C TRP A 201 24.25 -11.05 1.32
N GLU A 202 24.78 -12.26 1.15
CA GLU A 202 26.14 -12.44 0.64
C GLU A 202 26.28 -12.06 -0.83
N ASP A 203 25.19 -12.06 -1.59
CA ASP A 203 25.21 -11.58 -2.97
C ASP A 203 25.51 -10.09 -3.04
N VAL A 204 25.15 -9.35 -1.98
CA VAL A 204 25.23 -7.89 -1.97
C VAL A 204 26.64 -7.40 -1.63
N ILE A 205 27.58 -8.30 -1.37
CA ILE A 205 28.96 -7.93 -1.05
C ILE A 205 29.86 -8.42 -2.18
N ASP A 206 29.33 -8.34 -3.41
CA ASP A 206 30.09 -8.57 -4.65
C ASP A 206 30.61 -10.01 -4.73
N ASP A 207 29.67 -10.95 -4.69
CA ASP A 207 29.96 -12.37 -4.84
C ASP A 207 29.34 -12.86 -6.13
N LYS A 208 30.08 -13.70 -6.86
CA LYS A 208 29.66 -14.12 -8.19
C LYS A 208 28.49 -15.10 -8.14
N VAL A 209 28.32 -15.83 -7.06
CA VAL A 209 27.22 -16.79 -6.95
C VAL A 209 25.96 -16.05 -6.51
N THR A 210 24.90 -16.19 -7.29
CA THR A 210 23.62 -15.57 -6.97
C THR A 210 22.79 -16.49 -6.07
N ILE A 211 22.02 -15.89 -5.18
CA ILE A 211 21.26 -16.67 -4.20
C ILE A 211 20.07 -17.34 -4.89
N PRO A 212 19.85 -18.63 -4.68
CA PRO A 212 18.66 -19.28 -5.25
C PRO A 212 17.37 -18.78 -4.62
N GLN A 213 16.32 -18.75 -5.43
CA GLN A 213 15.02 -18.27 -4.99
C GLN A 213 14.23 -19.40 -4.32
N LYS A 214 12.99 -19.09 -3.95
CA LYS A 214 12.17 -20.03 -3.18
C LYS A 214 11.28 -20.88 -4.08
N VAL A 215 10.42 -20.25 -4.86
CA VAL A 215 9.45 -20.97 -5.67
C VAL A 215 10.04 -21.39 -7.01
N LYS A 216 10.77 -20.49 -7.67
CA LYS A 216 11.26 -20.73 -9.02
C LYS A 216 12.46 -21.67 -9.07
N GLU A 217 13.00 -22.07 -7.91
CA GLU A 217 14.05 -23.08 -7.76
C GLU A 217 15.33 -22.67 -8.49
N SER A 218 15.51 -23.15 -9.72
CA SER A 218 16.72 -22.86 -10.50
C SER A 218 16.58 -21.49 -11.15
N SER A 219 16.77 -20.46 -10.33
CA SER A 219 16.66 -19.09 -10.81
C SER A 219 17.59 -18.20 -9.98
N SER A 220 17.95 -17.06 -10.56
CA SER A 220 18.85 -16.10 -9.94
C SER A 220 18.09 -14.81 -9.66
N ARG A 221 18.20 -14.31 -8.43
CA ARG A 221 17.59 -13.04 -8.08
C ARG A 221 18.33 -11.90 -8.78
N LYS A 222 17.59 -10.83 -9.06
CA LYS A 222 18.16 -9.67 -9.72
C LYS A 222 18.48 -8.58 -8.71
N ILE A 223 19.26 -7.59 -9.15
CA ILE A 223 19.75 -6.54 -8.28
C ILE A 223 20.08 -5.32 -9.14
N GLN A 224 20.18 -4.16 -8.51
CA GLN A 224 20.38 -2.90 -9.21
C GLN A 224 21.80 -2.78 -9.72
N ASP A 225 22.12 -1.63 -10.31
CA ASP A 225 23.49 -1.29 -10.63
C ASP A 225 24.29 -1.05 -9.36
N ILE A 226 25.62 -1.11 -9.49
CA ILE A 226 26.49 -1.12 -8.32
C ILE A 226 26.46 0.23 -7.60
N ALA A 227 26.39 1.33 -8.37
CA ALA A 227 26.47 2.67 -7.77
C ALA A 227 25.26 2.98 -6.89
N GLY A 228 24.05 2.77 -7.42
CA GLY A 228 22.85 2.99 -6.63
C GLY A 228 22.72 2.03 -5.47
N ARG A 229 23.18 0.78 -5.65
CA ARG A 229 23.20 -0.20 -4.58
C ARG A 229 24.07 0.27 -3.43
N THR A 230 25.28 0.74 -3.75
CA THR A 230 26.18 1.26 -2.74
C THR A 230 25.61 2.50 -2.08
N TRP A 231 24.93 3.36 -2.85
CA TRP A 231 24.31 4.56 -2.29
C TRP A 231 23.25 4.20 -1.24
N ASN A 232 22.34 3.28 -1.60
CA ASN A 232 21.28 2.88 -0.68
C ASN A 232 21.84 2.20 0.56
N LEU A 233 22.78 1.26 0.37
CA LEU A 233 23.32 0.52 1.50
C LEU A 233 24.14 1.42 2.43
N MET A 234 24.91 2.36 1.86
CA MET A 234 25.72 3.23 2.68
C MET A 234 24.88 4.27 3.41
N THR A 235 23.79 4.74 2.79
CA THR A 235 22.89 5.64 3.51
C THR A 235 22.15 4.92 4.64
N SER A 236 21.76 3.65 4.40
CA SER A 236 21.13 2.86 5.46
C SER A 236 22.09 2.60 6.60
N LEU A 237 23.36 2.32 6.28
CA LEU A 237 24.39 2.18 7.31
C LEU A 237 24.60 3.50 8.05
N TYR A 238 24.52 4.62 7.33
CA TYR A 238 24.68 5.95 7.94
C TYR A 238 23.60 6.22 8.98
N TYR A 239 22.34 5.92 8.65
CA TYR A 239 21.25 6.07 9.62
C TYR A 239 21.43 5.08 10.77
N LYS A 240 21.64 3.80 10.46
CA LYS A 240 21.60 2.80 11.53
C LYS A 240 22.79 2.90 12.48
N GLY A 241 23.92 3.42 12.02
CA GLY A 241 25.02 3.69 12.91
C GLY A 241 24.93 5.05 13.59
N SER A 242 24.95 6.13 12.82
CA SER A 242 24.91 7.46 13.39
C SER A 242 23.46 7.84 13.68
N GLY A 243 23.14 8.15 14.94
CA GLY A 243 21.76 8.44 15.24
C GLY A 243 21.46 9.88 14.92
N ARG A 244 20.97 10.07 13.69
CA ARG A 244 20.81 11.37 13.07
C ARG A 244 20.06 11.19 11.75
N ILE A 245 19.03 12.00 11.52
CA ILE A 245 18.29 11.93 10.26
C ILE A 245 19.10 12.65 9.19
N PRO A 246 19.19 12.10 7.97
CA PRO A 246 19.91 12.80 6.90
C PRO A 246 19.18 14.05 6.40
N TRP A 247 17.90 13.88 6.04
CA TRP A 247 17.09 14.92 5.46
C TRP A 247 15.86 15.17 6.32
N ARG A 248 15.50 16.43 6.51
CA ARG A 248 14.29 16.80 7.22
C ARG A 248 13.22 17.24 6.24
N ARG A 249 11.97 17.15 6.67
CA ARG A 249 10.83 17.63 5.90
C ARG A 249 10.39 18.95 6.54
N MET A 250 10.85 20.05 5.97
CA MET A 250 10.46 21.36 6.48
C MET A 250 8.98 21.61 6.18
N PRO A 251 8.26 22.24 7.10
CA PRO A 251 6.79 22.32 6.97
C PRO A 251 6.38 23.26 5.85
N LEU A 252 5.10 23.14 5.48
CA LEU A 252 4.50 23.97 4.45
C LEU A 252 4.07 25.32 5.05
N GLU A 253 3.26 26.05 4.30
CA GLU A 253 2.83 27.40 4.69
C GLU A 253 1.86 27.30 5.87
N GLY A 254 2.35 27.63 7.06
CA GLY A 254 1.50 27.67 8.24
C GLY A 254 1.24 26.33 8.88
N GLU A 255 2.29 25.65 9.33
CA GLU A 255 2.18 24.40 10.07
C GLU A 255 2.80 24.54 11.45
N PHE A 256 2.55 23.54 12.29
CA PHE A 256 3.11 23.46 13.63
C PHE A 256 3.54 22.03 13.89
N SER A 257 3.81 21.71 15.15
CA SER A 257 4.22 20.36 15.54
C SER A 257 3.01 19.44 15.47
N ALA A 258 2.95 18.61 14.43
CA ALA A 258 1.83 17.72 14.22
C ALA A 258 2.14 16.34 14.77
N CYS A 259 1.15 15.45 14.70
CA CYS A 259 1.23 14.11 15.28
C CYS A 259 0.69 13.08 14.27
N TYR A 260 1.26 13.08 13.07
CA TYR A 260 0.89 12.12 12.02
C TYR A 260 1.00 10.68 12.52
N VAL A 261 -0.15 10.01 12.60
CA VAL A 261 -0.27 8.71 13.27
C VAL A 261 -0.94 7.74 12.31
N GLY A 262 -0.35 6.54 12.20
CA GLY A 262 -0.97 5.44 11.50
C GLY A 262 -1.25 4.29 12.45
N ILE A 263 -2.26 3.49 12.09
CA ILE A 263 -2.72 2.38 12.92
C ILE A 263 -2.78 1.13 12.06
N SER A 264 -2.16 0.05 12.54
CA SER A 264 -2.08 -1.20 11.81
C SER A 264 -2.59 -2.35 12.66
N PHE A 265 -3.00 -3.43 11.97
CA PHE A 265 -3.61 -4.59 12.61
C PHE A 265 -2.91 -5.83 12.07
N TYR A 266 -2.28 -6.61 12.96
CA TYR A 266 -1.52 -7.77 12.52
C TYR A 266 -1.99 -9.05 13.21
N ARG A 267 -1.70 -10.17 12.56
CA ARG A 267 -2.06 -11.51 13.03
C ARG A 267 -0.80 -12.31 13.32
N GLU A 268 -0.76 -12.94 14.48
CA GLU A 268 0.43 -13.68 14.91
C GLU A 268 0.62 -14.93 14.06
N ALA A 269 1.82 -15.52 14.18
CA ALA A 269 2.21 -16.66 13.36
C ALA A 269 1.96 -18.01 14.01
N ASP A 270 1.38 -18.04 15.21
CA ASP A 270 1.09 -19.28 15.91
C ASP A 270 -0.35 -19.74 15.69
N GLY A 271 -0.95 -19.39 14.55
CA GLY A 271 -2.29 -19.83 14.24
C GLY A 271 -3.39 -19.13 15.00
N GLN A 272 -3.13 -17.94 15.53
CA GLN A 272 -4.11 -17.18 16.30
C GLN A 272 -4.59 -15.99 15.49
N GLN A 273 -5.91 -15.87 15.33
CA GLN A 273 -6.53 -14.83 14.53
C GLN A 273 -6.72 -13.51 15.28
N LEU A 274 -6.00 -13.31 16.38
CA LEU A 274 -6.12 -12.11 17.19
C LEU A 274 -5.49 -10.94 16.46
N PHE A 275 -6.31 -10.16 15.76
CA PHE A 275 -5.82 -9.03 14.95
C PHE A 275 -5.45 -7.90 15.88
N THR A 276 -4.23 -7.95 16.41
CA THR A 276 -3.78 -7.00 17.42
C THR A 276 -3.40 -5.68 16.75
N SER A 277 -3.64 -4.58 17.48
CA SER A 277 -3.41 -3.24 16.97
C SER A 277 -2.01 -2.76 17.31
N ALA A 278 -1.57 -1.75 16.57
CA ALA A 278 -0.31 -1.06 16.84
C ALA A 278 -0.54 0.44 16.69
N ALA A 279 0.50 1.22 16.92
CA ALA A 279 0.40 2.66 16.68
C ALA A 279 1.76 3.18 16.26
N GLN A 280 1.78 4.01 15.21
CA GLN A 280 3.04 4.58 14.72
C GLN A 280 2.89 6.09 14.61
N MET A 281 3.90 6.82 15.07
CA MET A 281 3.92 8.27 15.08
C MET A 281 5.12 8.74 14.27
N PHE A 282 4.92 9.77 13.46
CA PHE A 282 6.03 10.34 12.69
C PHE A 282 5.98 11.86 12.80
N ASP A 283 5.90 12.35 14.03
CA ASP A 283 5.58 13.73 14.37
C ASP A 283 6.57 14.78 13.85
N GLU A 284 7.81 14.77 14.34
CA GLU A 284 8.74 15.88 14.14
C GLU A 284 9.75 15.55 13.04
N ARG A 285 9.58 16.18 11.88
CA ARG A 285 10.50 16.19 10.74
C ARG A 285 10.74 14.82 10.11
N GLY A 286 10.09 13.76 10.59
CA GLY A 286 10.36 12.41 10.13
C GLY A 286 10.77 11.45 11.23
N ARG A 287 11.00 11.90 12.46
CA ARG A 287 11.36 11.00 13.55
C ARG A 287 10.15 10.15 13.95
N GLY A 288 10.37 8.85 14.05
CA GLY A 288 9.29 7.89 14.24
C GLY A 288 9.33 7.23 15.61
N PHE A 289 8.15 6.91 16.11
CA PHE A 289 7.98 6.20 17.37
C PHE A 289 6.93 5.11 17.19
N VAL A 290 7.27 3.89 17.59
CA VAL A 290 6.40 2.73 17.43
C VAL A 290 5.93 2.30 18.81
N LEU A 291 4.62 2.23 19.01
CA LEU A 291 4.03 1.90 20.30
C LEU A 291 3.10 0.72 20.14
N LYS A 292 3.10 -0.15 21.16
CA LYS A 292 2.46 -1.47 21.06
C LYS A 292 0.95 -1.36 20.97
N GLY A 293 0.34 -0.49 21.77
CA GLY A 293 -1.10 -0.41 21.77
C GLY A 293 -1.73 -1.47 22.68
N ARG A 294 -3.03 -1.67 22.47
CA ARG A 294 -3.86 -2.47 23.34
C ARG A 294 -4.15 -3.84 22.75
N ARG A 295 -5.06 -4.57 23.37
CA ARG A 295 -5.39 -5.94 23.00
C ARG A 295 -6.32 -5.94 21.79
N ALA A 296 -6.90 -7.11 21.49
CA ALA A 296 -7.68 -7.29 20.27
C ALA A 296 -8.91 -8.12 20.58
N ARG A 297 -10.10 -7.51 20.47
CA ARG A 297 -11.36 -8.21 20.56
C ARG A 297 -12.30 -7.70 19.46
N THR A 298 -13.30 -8.54 19.14
CA THR A 298 -14.43 -8.20 18.26
C THR A 298 -13.96 -7.79 16.85
N GLU A 299 -13.40 -8.76 16.14
CA GLU A 299 -13.03 -8.61 14.73
C GLU A 299 -13.50 -9.83 13.94
N SER A 300 -14.56 -9.68 13.15
CA SER A 300 -14.87 -10.68 12.14
C SER A 300 -13.87 -10.62 10.99
N ARG A 301 -13.58 -9.43 10.50
CA ARG A 301 -12.50 -9.16 9.55
C ARG A 301 -11.41 -8.29 10.15
N GLY A 302 -11.80 -7.36 11.00
CA GLY A 302 -10.89 -6.40 11.61
C GLY A 302 -11.19 -4.99 11.18
N ARG A 303 -11.99 -4.31 12.00
CA ARG A 303 -12.27 -2.89 11.86
C ARG A 303 -12.19 -2.13 13.17
N HIS A 304 -12.48 -2.78 14.31
CA HIS A 304 -12.53 -2.09 15.60
C HIS A 304 -11.87 -2.92 16.69
N PRO A 305 -10.53 -2.88 16.79
CA PRO A 305 -9.89 -3.17 18.08
C PRO A 305 -9.76 -1.91 18.92
N TYR A 306 -10.49 -0.87 18.52
CA TYR A 306 -10.61 0.38 19.28
C TYR A 306 -11.99 0.48 19.90
N MET A 307 -12.48 -0.63 20.46
CA MET A 307 -13.87 -0.74 20.88
C MET A 307 -14.20 0.23 22.01
N ALA A 308 -15.33 0.93 21.83
CA ALA A 308 -15.89 1.87 22.80
C ALA A 308 -14.89 2.93 23.23
N ARG A 309 -14.36 2.78 24.45
CA ARG A 309 -13.40 3.74 24.99
C ARG A 309 -12.18 3.03 25.58
N GLU A 310 -12.38 1.82 26.10
CA GLU A 310 -11.42 1.17 26.98
C GLU A 310 -10.09 0.84 26.31
N ASP A 311 -10.03 0.88 24.98
CA ASP A 311 -8.78 0.76 24.25
C ASP A 311 -8.31 2.08 23.66
N ALA A 312 -9.22 2.80 22.99
CA ALA A 312 -8.83 3.98 22.22
C ALA A 312 -8.38 5.13 23.12
N LYS A 313 -9.09 5.35 24.23
CA LYS A 313 -8.73 6.45 25.14
C LYS A 313 -7.31 6.30 25.67
N LYS A 314 -6.98 5.14 26.23
CA LYS A 314 -5.63 5.02 26.79
C LYS A 314 -4.57 4.72 25.74
N ILE A 315 -4.94 4.29 24.52
CA ILE A 315 -3.96 4.24 23.45
C ILE A 315 -3.55 5.64 23.03
N ILE A 316 -4.53 6.54 22.86
CA ILE A 316 -4.21 7.93 22.54
C ILE A 316 -3.52 8.60 23.73
N GLU A 317 -3.88 8.22 24.96
CA GLU A 317 -3.20 8.77 26.13
C GLU A 317 -1.75 8.30 26.20
N ASP A 318 -1.47 7.06 25.81
CA ASP A 318 -0.09 6.60 25.75
C ASP A 318 0.69 7.29 24.63
N VAL A 319 0.03 7.56 23.51
CA VAL A 319 0.66 8.31 22.41
C VAL A 319 1.03 9.72 22.87
N LEU A 320 0.10 10.38 23.57
CA LEU A 320 0.39 11.71 24.10
C LEU A 320 1.39 11.66 25.25
N ALA A 321 1.45 10.53 25.97
CA ALA A 321 2.45 10.36 27.02
C ALA A 321 3.85 10.27 26.42
N ALA A 322 3.99 9.53 25.32
CA ALA A 322 5.27 9.48 24.61
C ALA A 322 5.64 10.83 24.03
N TYR A 323 4.65 11.55 23.50
CA TYR A 323 4.90 12.89 22.98
C TYR A 323 5.31 13.87 24.09
N LYS A 324 4.71 13.73 25.27
CA LYS A 324 5.10 14.56 26.40
C LYS A 324 6.47 14.15 26.94
N LEU A 325 6.81 12.87 26.86
CA LEU A 325 8.12 12.41 27.28
C LEU A 325 9.22 12.99 26.39
N HIS A 326 9.01 13.01 25.09
CA HIS A 326 10.05 13.55 24.21
C HIS A 326 9.97 15.07 24.11
N HIS A 327 8.87 15.58 23.56
CA HIS A 327 8.78 16.98 23.15
C HIS A 327 8.52 17.95 24.30
N LYS A 328 8.25 17.43 25.51
CA LYS A 328 7.79 18.17 26.70
C LYS A 328 6.74 19.24 26.36
N THR A 329 5.79 18.87 25.50
CA THR A 329 4.66 19.74 25.15
C THR A 329 3.54 18.85 24.61
N LEU A 330 2.55 19.48 23.99
CA LEU A 330 1.43 18.77 23.39
C LEU A 330 1.33 19.09 21.90
N PRO A 331 0.87 18.14 21.07
CA PRO A 331 0.76 18.42 19.64
C PRO A 331 -0.34 19.42 19.33
N ALA A 332 -0.11 20.19 18.28
CA ALA A 332 -1.11 21.16 17.83
C ALA A 332 -2.10 20.54 16.84
N ARG A 333 -1.62 19.67 15.96
CA ARG A 333 -2.47 19.00 14.97
C ARG A 333 -2.32 17.49 15.10
N VAL A 334 -3.43 16.77 14.97
CA VAL A 334 -3.42 15.31 14.92
C VAL A 334 -4.13 14.87 13.65
N PHE A 335 -3.51 13.92 12.93
CA PHE A 335 -3.86 13.59 11.55
C PHE A 335 -3.97 12.06 11.42
N ILE A 336 -4.83 11.45 12.25
CA ILE A 336 -4.95 10.00 12.31
C ILE A 336 -5.42 9.46 10.95
N LEU A 337 -4.53 8.75 10.26
CA LEU A 337 -4.80 8.23 8.94
C LEU A 337 -4.56 6.75 8.93
N LYS A 338 -5.50 5.99 8.35
CA LYS A 338 -5.36 4.54 8.27
C LYS A 338 -5.94 4.07 6.93
N THR A 339 -6.26 2.78 6.83
CA THR A 339 -6.75 2.24 5.56
C THR A 339 -8.08 1.51 5.72
N SER A 340 -8.60 1.44 6.93
CA SER A 340 -9.89 0.78 7.13
C SER A 340 -10.92 1.73 7.71
N ARG A 341 -12.13 1.72 7.18
CA ARG A 341 -13.15 2.65 7.66
C ARG A 341 -13.47 2.39 9.12
N PHE A 342 -13.60 3.44 9.92
CA PHE A 342 -13.85 3.28 11.35
C PHE A 342 -15.31 3.14 11.70
N LYS A 343 -15.62 3.16 12.99
CA LYS A 343 -17.01 3.09 13.44
C LYS A 343 -17.32 4.27 14.36
N ASP A 344 -18.53 4.29 14.91
CA ASP A 344 -18.91 5.41 15.77
C ASP A 344 -18.29 5.34 17.17
N GLU A 345 -18.10 4.15 17.74
CA GLU A 345 -17.50 4.06 19.07
C GLU A 345 -16.04 4.48 19.04
N GLU A 346 -15.29 4.04 18.03
CA GLU A 346 -13.88 4.43 17.92
C GLU A 346 -13.74 5.92 17.68
N ALA A 347 -14.61 6.48 16.83
CA ALA A 347 -14.58 7.92 16.59
C ALA A 347 -14.92 8.71 17.85
N ASP A 348 -15.90 8.21 18.63
CA ASP A 348 -16.24 8.85 19.89
C ASP A 348 -15.07 8.81 20.87
N GLY A 349 -14.35 7.68 20.91
CA GLY A 349 -13.17 7.59 21.76
C GLY A 349 -12.06 8.55 21.35
N ILE A 350 -11.80 8.65 20.05
CA ILE A 350 -10.75 9.56 19.56
C ILE A 350 -11.11 11.01 19.84
N ILE A 351 -12.37 11.38 19.60
CA ILE A 351 -12.81 12.75 19.83
C ILE A 351 -12.78 13.09 21.32
N ALA A 352 -13.20 12.14 22.17
CA ALA A 352 -13.17 12.37 23.61
C ALA A 352 -11.75 12.51 24.14
N ALA A 353 -10.82 11.68 23.67
CA ALA A 353 -9.43 11.78 24.10
C ALA A 353 -8.80 13.09 23.63
N LEU A 354 -9.08 13.49 22.39
CA LEU A 354 -8.49 14.72 21.86
C LEU A 354 -9.11 15.95 22.51
N ASP A 355 -10.37 15.87 22.95
CA ASP A 355 -10.98 16.97 23.68
C ASP A 355 -10.43 17.05 25.10
N GLU A 356 -10.17 15.90 25.73
CA GLU A 356 -9.56 15.89 27.05
C GLU A 356 -8.13 16.39 27.01
N ALA A 357 -7.43 16.17 25.90
CA ALA A 357 -6.09 16.71 25.72
C ALA A 357 -6.10 18.14 25.19
N GLY A 358 -7.27 18.69 24.86
CA GLY A 358 -7.36 20.03 24.32
C GLY A 358 -6.76 20.19 22.94
N THR A 359 -6.98 19.23 22.05
CA THR A 359 -6.41 19.28 20.71
C THR A 359 -7.15 20.31 19.86
N GLU A 360 -6.37 21.08 19.09
CA GLU A 360 -6.95 22.13 18.26
C GLU A 360 -7.48 21.57 16.94
N LEU A 361 -6.60 20.99 16.13
CA LEU A 361 -6.94 20.56 14.78
C LEU A 361 -6.81 19.04 14.71
N ARG A 362 -7.82 18.39 14.12
CA ARG A 362 -7.88 16.95 14.05
C ARG A 362 -8.34 16.50 12.67
N ASP A 363 -7.94 15.29 12.29
CA ASP A 363 -8.42 14.65 11.07
C ASP A 363 -8.40 13.15 11.28
N LEU A 364 -9.44 12.48 10.76
CA LEU A 364 -9.58 11.02 10.83
C LEU A 364 -9.87 10.54 9.41
N VAL A 365 -8.82 10.21 8.67
CA VAL A 365 -8.94 9.87 7.25
C VAL A 365 -8.64 8.39 7.07
N TRP A 366 -9.43 7.74 6.21
CA TRP A 366 -9.06 6.40 5.76
C TRP A 366 -8.69 6.47 4.28
N VAL A 367 -7.55 5.87 3.97
CA VAL A 367 -6.89 5.97 2.67
C VAL A 367 -7.05 4.63 1.96
N GLN A 368 -7.44 4.69 0.70
CA GLN A 368 -7.83 3.51 -0.06
C GLN A 368 -6.73 3.13 -1.04
N GLU A 369 -6.15 1.95 -0.86
CA GLU A 369 -5.32 1.29 -1.87
C GLU A 369 -6.19 0.42 -2.77
N SER A 370 -7.24 1.07 -3.27
CA SER A 370 -8.40 0.48 -3.92
C SER A 370 -8.97 1.54 -4.84
N TYR A 371 -10.28 1.49 -5.10
CA TYR A 371 -11.00 2.50 -5.88
C TYR A 371 -10.48 2.49 -7.31
N THR A 372 -10.89 1.48 -8.07
CA THR A 372 -10.35 1.13 -9.38
C THR A 372 -10.48 2.20 -10.47
N ALA A 373 -11.06 3.36 -10.18
CA ALA A 373 -11.22 4.43 -11.17
C ALA A 373 -9.86 5.08 -11.44
N ARG A 374 -9.38 4.95 -12.68
CA ARG A 374 -8.09 5.48 -13.10
C ARG A 374 -8.34 6.49 -14.22
N ILE A 375 -8.02 7.77 -13.98
CA ILE A 375 -8.33 8.86 -14.91
C ILE A 375 -7.13 9.78 -15.07
N LEU A 376 -7.35 10.86 -15.83
CA LEU A 376 -6.34 11.79 -16.36
C LEU A 376 -5.27 11.06 -17.19
N ARG A 377 -5.75 10.51 -18.31
CA ARG A 377 -4.87 9.82 -19.26
C ARG A 377 -4.35 10.72 -20.37
N ASP A 378 -4.85 11.94 -20.49
CA ASP A 378 -4.49 12.79 -21.62
C ASP A 378 -3.06 13.36 -21.47
N GLY A 379 -2.53 13.84 -22.58
CA GLY A 379 -1.17 14.31 -22.65
C GLY A 379 -0.25 13.30 -23.29
N ASN A 380 0.79 13.80 -23.98
CA ASN A 380 1.74 12.91 -24.64
C ASN A 380 2.63 12.20 -23.63
N TYR A 381 3.14 12.93 -22.64
CA TYR A 381 3.84 12.29 -21.54
C TYR A 381 2.85 11.61 -20.61
N PRO A 382 3.31 10.65 -19.81
CA PRO A 382 2.44 10.13 -18.73
C PRO A 382 2.15 11.20 -17.68
N VAL A 383 1.20 10.88 -16.81
CA VAL A 383 0.69 11.85 -15.86
C VAL A 383 1.76 12.14 -14.79
N LEU A 384 1.90 13.42 -14.45
CA LEU A 384 2.98 13.88 -13.61
C LEU A 384 2.84 13.37 -12.17
N ARG A 385 3.98 13.29 -11.48
CA ARG A 385 4.00 12.93 -10.07
C ARG A 385 3.45 14.10 -9.26
N GLY A 386 2.25 13.93 -8.74
CA GLY A 386 1.59 15.00 -8.02
C GLY A 386 0.56 15.70 -8.88
N THR A 387 -0.70 15.32 -8.71
CA THR A 387 -1.80 15.90 -9.48
C THR A 387 -3.07 15.59 -8.74
N PHE A 388 -3.82 16.63 -8.38
CA PHE A 388 -5.01 16.51 -7.54
C PHE A 388 -6.23 16.83 -8.41
N VAL A 389 -7.13 15.87 -8.52
CA VAL A 389 -8.50 16.13 -8.95
C VAL A 389 -9.42 15.80 -7.78
N ASP A 390 -10.30 16.74 -7.44
CA ASP A 390 -11.12 16.66 -6.24
C ASP A 390 -12.54 16.31 -6.65
N LEU A 391 -12.87 15.03 -6.55
CA LEU A 391 -14.26 14.61 -6.67
C LEU A 391 -15.04 15.19 -5.50
N HIS A 392 -16.34 15.44 -5.72
CA HIS A 392 -17.11 16.29 -4.80
C HIS A 392 -17.34 15.55 -3.49
N GLY A 393 -16.30 15.56 -2.65
CA GLY A 393 -16.29 14.88 -1.38
C GLY A 393 -15.01 14.12 -1.10
N LYS A 394 -14.38 13.57 -2.14
CA LYS A 394 -13.21 12.73 -1.98
C LYS A 394 -12.17 13.07 -3.05
N GLY A 395 -10.89 12.99 -2.69
CA GLY A 395 -9.82 13.36 -3.59
C GLY A 395 -9.17 12.17 -4.27
N LEU A 396 -8.56 12.43 -5.42
CA LEU A 396 -7.79 11.42 -6.15
C LEU A 396 -6.35 11.86 -6.17
N LEU A 397 -5.53 11.33 -5.26
CA LEU A 397 -4.14 11.75 -5.13
C LEU A 397 -3.25 10.83 -5.97
N TYR A 398 -2.52 11.44 -6.91
CA TYR A 398 -1.54 10.73 -7.72
C TYR A 398 -0.17 11.01 -7.11
N THR A 399 0.38 10.03 -6.39
CA THR A 399 1.61 10.25 -5.65
C THR A 399 2.83 9.73 -6.41
N SER A 400 2.66 8.73 -7.27
CA SER A 400 3.72 8.24 -8.15
C SER A 400 3.45 8.69 -9.58
N GLY A 401 4.49 9.16 -10.26
CA GLY A 401 4.35 9.60 -11.64
C GLY A 401 5.65 9.92 -12.33
N SER A 402 5.65 10.95 -13.19
CA SER A 402 6.81 11.31 -13.99
C SER A 402 7.10 12.81 -13.83
N MET A 403 8.31 13.20 -14.20
CA MET A 403 8.71 14.59 -14.23
C MET A 403 9.57 14.85 -15.45
N PRO A 404 9.56 16.09 -15.98
CA PRO A 404 10.57 16.46 -16.98
C PRO A 404 11.99 16.49 -16.42
N TYR A 405 12.16 16.67 -15.11
CA TYR A 405 13.48 16.62 -14.50
C TYR A 405 14.08 15.22 -14.64
N TYR A 406 13.28 14.18 -14.40
CA TYR A 406 13.70 12.81 -14.64
C TYR A 406 13.50 12.36 -16.08
N GLY A 407 12.95 13.21 -16.94
CA GLY A 407 12.87 12.90 -18.35
C GLY A 407 11.68 12.08 -18.78
N THR A 408 11.51 10.90 -18.20
CA THR A 408 10.48 9.97 -18.66
C THR A 408 9.96 9.18 -17.46
N TYR A 409 9.24 8.10 -17.74
CA TYR A 409 8.71 7.19 -16.73
C TYR A 409 9.44 5.86 -16.83
N PRO A 410 10.54 5.68 -16.10
CA PRO A 410 11.25 4.39 -16.10
C PRO A 410 10.63 3.35 -15.19
N GLY A 411 9.46 3.61 -14.62
CA GLY A 411 8.77 2.64 -13.79
C GLY A 411 8.02 1.60 -14.60
N LYS A 412 6.86 1.17 -14.12
CA LYS A 412 6.11 0.10 -14.76
C LYS A 412 4.68 0.57 -15.04
N TYR A 413 4.38 0.76 -16.33
CA TYR A 413 3.02 0.85 -16.88
C TYR A 413 2.31 2.07 -16.29
N ASP A 414 1.22 1.90 -15.53
CA ASP A 414 0.48 3.02 -14.99
C ASP A 414 0.52 2.99 -13.46
N PRO A 415 0.72 4.14 -12.81
CA PRO A 415 0.80 4.17 -11.34
C PRO A 415 -0.57 4.01 -10.71
N ASN A 416 -0.56 3.87 -9.39
CA ASN A 416 -1.79 3.65 -8.63
C ASN A 416 -2.04 4.80 -7.68
N PRO A 417 -3.17 5.49 -7.82
CA PRO A 417 -3.51 6.59 -6.89
C PRO A 417 -3.88 6.13 -5.50
N LEU A 418 -4.29 7.10 -4.68
CA LEU A 418 -5.01 6.81 -3.45
C LEU A 418 -6.22 7.73 -3.39
N LEU A 419 -7.25 7.29 -2.68
CA LEU A 419 -8.43 8.09 -2.42
C LEU A 419 -8.64 8.19 -0.92
N LEU A 420 -9.00 9.39 -0.47
CA LEU A 420 -8.97 9.75 0.94
C LEU A 420 -10.38 10.13 1.37
N CYS A 421 -10.93 9.40 2.34
CA CYS A 421 -12.22 9.83 2.87
C CYS A 421 -12.03 10.32 4.30
N PRO A 422 -12.39 11.57 4.59
CA PRO A 422 -12.42 12.06 5.98
C PRO A 422 -13.69 11.60 6.70
N HIS A 423 -13.70 10.33 7.08
CA HIS A 423 -14.79 9.79 7.87
C HIS A 423 -14.81 10.45 9.25
N HIS A 424 -16.02 10.71 9.75
CA HIS A 424 -16.25 11.46 10.99
C HIS A 424 -15.55 12.83 10.91
N THR A 425 -16.10 13.65 10.02
CA THR A 425 -15.46 14.84 9.48
C THR A 425 -15.08 15.84 10.58
N SER A 426 -14.21 16.77 10.20
CA SER A 426 -13.58 17.68 11.14
C SER A 426 -13.39 19.02 10.45
N GLU A 427 -12.46 19.83 10.94
CA GLU A 427 -12.32 21.22 10.54
C GLU A 427 -11.30 21.44 9.43
N SER A 428 -11.13 20.46 8.53
CA SER A 428 -10.19 20.60 7.43
C SER A 428 -10.83 20.11 6.13
N THR A 429 -10.34 20.64 5.02
CA THR A 429 -10.78 20.25 3.69
C THR A 429 -9.75 19.34 3.03
N VAL A 430 -10.11 18.82 1.86
CA VAL A 430 -9.32 17.77 1.24
C VAL A 430 -8.06 18.28 0.55
N ALA A 431 -8.02 19.56 0.17
CA ALA A 431 -6.82 20.10 -0.48
C ALA A 431 -5.65 20.16 0.49
N GLN A 432 -5.91 20.58 1.72
CA GLN A 432 -4.88 20.59 2.75
C GLN A 432 -4.37 19.19 3.03
N LEU A 433 -5.27 18.21 3.11
CA LEU A 433 -4.86 16.83 3.35
C LEU A 433 -4.03 16.27 2.21
N ALA A 434 -4.44 16.52 0.96
CA ALA A 434 -3.69 16.02 -0.19
C ALA A 434 -2.31 16.64 -0.27
N GLU A 435 -2.21 17.96 -0.03
CA GLU A 435 -0.91 18.61 -0.05
C GLU A 435 -0.02 18.12 1.09
N GLU A 436 -0.62 17.86 2.26
CA GLU A 436 0.16 17.39 3.40
C GLU A 436 0.75 16.01 3.16
N ILE A 437 -0.04 15.06 2.66
CA ILE A 437 0.56 13.74 2.43
C ILE A 437 1.46 13.73 1.20
N PHE A 438 1.25 14.64 0.23
CA PHE A 438 2.27 14.74 -0.81
C PHE A 438 3.55 15.42 -0.31
N SER A 439 3.49 16.15 0.80
CA SER A 439 4.73 16.52 1.48
C SER A 439 5.29 15.36 2.28
N LEU A 440 4.43 14.47 2.77
CA LEU A 440 4.81 13.36 3.63
C LEU A 440 5.38 12.16 2.89
N THR A 441 5.22 12.08 1.56
CA THR A 441 5.59 10.85 0.85
C THR A 441 7.10 10.58 0.86
N LYS A 442 7.92 11.57 0.49
CA LYS A 442 9.35 11.36 0.27
C LYS A 442 10.17 11.83 1.47
N VAL A 443 9.96 11.16 2.60
CA VAL A 443 10.78 11.35 3.77
C VAL A 443 11.28 9.94 4.12
N ASN A 444 11.32 9.09 3.10
CA ASN A 444 11.64 7.67 3.28
C ASN A 444 13.11 7.47 3.63
N TRP A 445 13.35 6.66 4.66
CA TRP A 445 14.70 6.38 5.14
C TRP A 445 15.31 5.11 4.56
N ASN A 446 14.48 4.11 4.26
CA ASN A 446 14.95 2.88 3.63
C ASN A 446 15.40 3.09 2.19
N SER A 447 15.12 4.25 1.60
CA SER A 447 15.45 4.48 0.20
C SER A 447 15.80 5.94 -0.02
N THR A 448 16.74 6.17 -0.93
CA THR A 448 16.98 7.49 -1.51
C THR A 448 16.35 7.62 -2.88
N GLN A 449 15.49 6.68 -3.26
CA GLN A 449 14.76 6.76 -4.52
C GLN A 449 13.66 7.81 -4.42
N MET A 450 13.47 8.56 -5.50
CA MET A 450 12.62 9.75 -5.44
C MET A 450 11.14 9.41 -5.62
N ASN A 451 10.82 8.60 -6.63
CA ASN A 451 9.43 8.30 -6.98
C ASN A 451 8.87 7.29 -5.97
N GLN A 452 8.29 7.80 -4.90
CA GLN A 452 7.65 6.98 -3.88
C GLN A 452 6.13 7.18 -3.94
N ARG A 453 5.40 6.16 -3.49
CA ARG A 453 3.95 6.11 -3.63
C ARG A 453 3.19 6.16 -2.31
N LEU A 454 3.79 5.71 -1.21
CA LEU A 454 3.03 5.54 0.01
C LEU A 454 3.56 6.45 1.11
N PRO A 455 2.67 7.01 1.94
CA PRO A 455 3.14 7.70 3.14
C PRO A 455 3.83 6.74 4.10
N ILE A 456 4.86 7.25 4.77
CA ILE A 456 5.64 6.45 5.72
C ILE A 456 4.85 5.89 6.91
N PRO A 457 3.81 6.54 7.49
CA PRO A 457 3.04 5.82 8.52
C PRO A 457 2.23 4.65 7.97
N ILE A 458 1.97 4.60 6.67
CA ILE A 458 1.30 3.47 6.05
C ILE A 458 2.29 2.40 5.64
N ARG A 459 3.41 2.81 5.03
CA ARG A 459 4.44 1.86 4.59
C ARG A 459 5.12 1.19 5.77
N ALA A 460 5.17 1.86 6.91
CA ALA A 460 5.82 1.27 8.08
C ALA A 460 5.01 0.16 8.73
N ALA A 461 3.76 -0.05 8.31
CA ALA A 461 2.86 -0.98 9.00
C ALA A 461 3.33 -2.43 8.87
N ARG A 462 3.62 -2.86 7.64
CA ARG A 462 4.12 -4.22 7.42
C ARG A 462 5.47 -4.43 8.09
N LYS A 463 6.33 -3.41 8.03
CA LYS A 463 7.67 -3.51 8.59
C LYS A 463 7.63 -3.65 10.11
N VAL A 464 6.72 -2.94 10.78
CA VAL A 464 6.66 -3.11 12.23
C VAL A 464 5.90 -4.38 12.59
N GLY A 465 4.96 -4.83 11.76
CA GLY A 465 4.23 -6.05 12.07
C GLY A 465 5.09 -7.28 12.00
N GLU A 466 5.97 -7.36 10.97
CA GLU A 466 6.79 -8.54 10.77
C GLU A 466 7.81 -8.76 11.88
N VAL A 467 8.07 -7.75 12.70
CA VAL A 467 8.91 -7.89 13.88
C VAL A 467 8.09 -8.05 15.16
N LEU A 468 7.03 -7.25 15.31
CA LEU A 468 6.21 -7.28 16.51
C LEU A 468 5.31 -8.50 16.61
N LYS A 469 5.26 -9.34 15.57
CA LYS A 469 4.57 -10.63 15.68
C LYS A 469 5.20 -11.51 16.75
N TYR A 470 6.54 -11.52 16.82
CA TYR A 470 7.27 -12.54 17.57
C TYR A 470 7.79 -12.06 18.92
N VAL A 471 7.34 -10.90 19.40
CA VAL A 471 7.74 -10.45 20.74
C VAL A 471 7.13 -11.36 21.80
N GLY A 472 5.85 -11.64 21.68
CA GLY A 472 5.19 -12.64 22.52
C GLY A 472 4.66 -12.03 23.83
N GLU A 473 5.31 -12.36 24.93
CA GLU A 473 4.79 -12.06 26.26
C GLU A 473 5.09 -10.61 26.64
N GLY A 474 4.83 -10.26 27.90
CA GLY A 474 4.97 -8.89 28.34
C GLY A 474 6.37 -8.52 28.79
N GLU A 475 7.09 -7.80 27.93
CA GLU A 475 8.43 -7.31 28.25
C GLU A 475 8.49 -5.82 27.99
N VAL A 476 9.70 -5.25 28.04
CA VAL A 476 9.90 -3.85 27.68
C VAL A 476 9.84 -3.78 26.15
N ILE A 477 8.70 -3.31 25.63
CA ILE A 477 8.47 -3.30 24.19
C ILE A 477 9.31 -2.22 23.49
N SER A 478 9.63 -1.14 24.21
CA SER A 478 10.40 0.02 23.73
C SER A 478 9.74 0.74 22.57
N ALA A 479 10.37 1.83 22.10
CA ALA A 479 9.79 2.64 21.05
C ALA A 479 10.94 3.24 20.23
N ASP A 480 11.29 2.55 19.15
CA ASP A 480 12.28 3.06 18.21
C ASP A 480 12.08 2.35 16.89
N TYR A 481 11.86 3.12 15.82
CA TYR A 481 11.70 2.55 14.50
C TYR A 481 13.00 2.02 13.91
N ARG A 482 14.15 2.36 14.51
CA ARG A 482 15.45 1.91 14.02
C ARG A 482 15.62 0.41 14.10
N LYS A 483 14.94 -0.26 15.03
CA LYS A 483 15.01 -1.72 15.08
C LYS A 483 14.25 -2.34 13.92
N TYR A 484 13.06 -1.81 13.61
CA TYR A 484 12.23 -2.40 12.57
C TYR A 484 12.72 -2.06 11.17
N ILE A 485 13.23 -0.84 10.96
CA ILE A 485 13.69 -0.44 9.64
C ILE A 485 15.09 -0.99 9.37
N ILE B 166 -13.40 10.82 -15.10
CA ILE B 166 -13.35 10.82 -16.55
C ILE B 166 -13.84 9.48 -17.09
N ASN B 167 -13.33 8.37 -16.54
CA ASN B 167 -13.83 7.04 -16.89
C ASN B 167 -15.15 6.72 -16.21
N MET B 168 -15.53 7.49 -15.20
CA MET B 168 -16.70 7.25 -14.38
C MET B 168 -17.96 7.62 -15.17
N LEU B 169 -19.07 6.95 -14.86
CA LEU B 169 -20.27 7.01 -15.71
C LEU B 169 -21.49 7.47 -14.92
N PRO B 170 -22.19 8.52 -15.36
CA PRO B 170 -23.31 9.09 -14.59
C PRO B 170 -24.66 8.40 -14.80
N LEU B 171 -24.97 7.37 -14.01
CA LEU B 171 -26.28 6.73 -14.08
C LEU B 171 -27.40 7.70 -13.71
N THR B 172 -28.54 7.53 -14.37
CA THR B 172 -29.77 8.27 -14.08
C THR B 172 -30.81 7.30 -13.56
N LEU B 173 -31.35 7.59 -12.37
CA LEU B 173 -32.23 6.68 -11.66
C LEU B 173 -33.67 6.80 -12.15
N PRO B 174 -34.47 5.74 -12.01
CA PRO B 174 -35.90 5.85 -12.29
C PRO B 174 -36.61 6.61 -11.19
N ASN B 175 -37.89 6.92 -11.44
CA ASN B 175 -38.70 7.71 -10.52
C ASN B 175 -39.61 6.87 -9.63
N GLU B 176 -39.65 5.55 -9.83
CA GLU B 176 -40.52 4.70 -9.03
C GLU B 176 -39.77 3.44 -8.61
N MET B 177 -40.10 2.94 -7.42
CA MET B 177 -39.49 1.74 -6.87
C MET B 177 -40.58 0.88 -6.25
N TYR B 178 -40.68 -0.37 -6.70
CA TYR B 178 -41.67 -1.31 -6.19
C TYR B 178 -41.01 -2.14 -5.09
N ILE B 179 -41.63 -2.12 -3.91
CA ILE B 179 -41.09 -2.78 -2.72
C ILE B 179 -42.14 -3.73 -2.16
N ALA B 180 -41.66 -4.74 -1.44
CA ALA B 180 -42.53 -5.75 -0.84
C ALA B 180 -41.81 -6.38 0.34
N SER B 181 -42.58 -7.05 1.18
CA SER B 181 -42.06 -7.69 2.39
C SER B 181 -42.50 -9.15 2.41
N THR B 182 -41.53 -10.07 2.38
CA THR B 182 -41.80 -11.50 2.40
C THR B 182 -40.78 -12.20 3.28
N THR B 183 -40.96 -13.50 3.46
CA THR B 183 -40.11 -14.33 4.30
C THR B 183 -39.54 -15.51 3.50
N TYR B 184 -39.16 -15.25 2.26
CA TYR B 184 -38.67 -16.29 1.36
C TYR B 184 -37.16 -16.45 1.51
N GLU B 185 -36.54 -17.23 0.61
CA GLU B 185 -35.11 -17.51 0.65
C GLU B 185 -34.62 -17.48 -0.79
N PRO B 186 -33.42 -16.92 -1.04
CA PRO B 186 -33.00 -16.67 -2.44
C PRO B 186 -32.46 -17.86 -3.21
N ARG B 187 -32.72 -19.10 -2.78
CA ARG B 187 -32.39 -20.26 -3.59
C ARG B 187 -33.61 -20.93 -4.20
N LYS B 188 -34.60 -21.29 -3.39
CA LYS B 188 -35.82 -21.88 -3.95
C LYS B 188 -36.62 -20.86 -4.75
N ALA B 189 -36.46 -19.57 -4.47
CA ALA B 189 -37.11 -18.55 -5.28
C ALA B 189 -36.55 -18.50 -6.70
N ILE B 190 -35.23 -18.58 -6.84
CA ILE B 190 -34.67 -18.67 -8.18
C ILE B 190 -34.99 -20.03 -8.80
N ALA B 191 -35.19 -21.07 -7.98
CA ALA B 191 -35.58 -22.37 -8.51
C ALA B 191 -36.97 -22.31 -9.15
N VAL B 192 -37.95 -21.74 -8.45
CA VAL B 192 -39.28 -21.63 -9.04
C VAL B 192 -39.29 -20.66 -10.21
N ILE B 193 -38.49 -19.58 -10.15
CA ILE B 193 -38.43 -18.66 -11.28
C ILE B 193 -37.72 -19.25 -12.50
N LEU B 194 -36.90 -20.29 -12.32
CA LEU B 194 -36.37 -20.97 -13.51
C LEU B 194 -37.28 -22.08 -14.00
N ASN B 195 -38.07 -22.72 -13.12
CA ASN B 195 -39.03 -23.72 -13.59
C ASN B 195 -40.40 -23.12 -13.84
N GLY B 196 -40.51 -21.79 -13.89
CA GLY B 196 -41.76 -21.14 -14.20
C GLY B 196 -42.09 -21.18 -15.68
N ASP B 197 -43.28 -20.68 -16.01
CA ASP B 197 -43.81 -20.70 -17.37
C ASP B 197 -44.19 -19.30 -17.81
N GLY B 198 -43.32 -18.32 -17.56
CA GLY B 198 -43.56 -16.96 -17.94
C GLY B 198 -42.28 -16.23 -18.30
N PRO B 199 -42.34 -14.90 -18.36
CA PRO B 199 -41.14 -14.10 -18.68
C PRO B 199 -40.18 -14.10 -17.51
N LYS B 200 -38.95 -14.53 -17.76
CA LYS B 200 -37.91 -14.58 -16.72
C LYS B 200 -37.20 -13.24 -16.64
N ARG B 201 -36.89 -12.81 -15.42
CA ARG B 201 -36.25 -11.53 -15.19
C ARG B 201 -35.13 -11.71 -14.18
N PHE B 202 -34.06 -10.92 -14.33
CA PHE B 202 -32.83 -11.07 -13.55
C PHE B 202 -32.48 -9.76 -12.82
N ASP B 203 -33.48 -8.94 -12.51
CA ASP B 203 -33.26 -7.74 -11.72
C ASP B 203 -33.96 -7.75 -10.37
N TRP B 204 -34.78 -8.75 -10.09
CA TRP B 204 -35.35 -8.92 -8.75
C TRP B 204 -34.25 -9.26 -7.76
N VAL B 205 -34.25 -8.57 -6.62
CA VAL B 205 -33.06 -8.55 -5.76
C VAL B 205 -33.09 -9.71 -4.77
N ILE B 206 -31.90 -10.10 -4.31
CA ILE B 206 -31.78 -11.15 -3.30
C ILE B 206 -32.43 -10.68 -2.00
N ASN B 207 -33.27 -11.55 -1.44
CA ASN B 207 -34.12 -11.19 -0.31
C ASN B 207 -33.27 -11.10 0.96
N GLY B 208 -32.80 -9.88 1.22
CA GLY B 208 -32.18 -9.55 2.49
C GLY B 208 -33.15 -9.22 3.59
N GLY B 209 -34.44 -9.44 3.35
CA GLY B 209 -35.50 -9.11 4.29
C GLY B 209 -36.67 -8.50 3.57
N THR B 210 -36.40 -7.81 2.46
CA THR B 210 -37.42 -7.14 1.66
C THR B 210 -37.30 -7.63 0.22
N PHE B 211 -38.04 -6.96 -0.67
CA PHE B 211 -38.02 -7.24 -2.11
C PHE B 211 -38.11 -5.90 -2.82
N TRP B 212 -37.02 -5.49 -3.47
CA TRP B 212 -36.94 -4.19 -4.13
C TRP B 212 -36.67 -4.40 -5.61
N SER B 213 -37.40 -3.68 -6.47
CA SER B 213 -37.11 -3.70 -7.90
C SER B 213 -37.70 -2.47 -8.55
N PHE B 214 -37.29 -2.22 -9.80
CA PHE B 214 -37.94 -1.25 -10.67
C PHE B 214 -38.92 -1.93 -11.63
N HIS B 215 -39.82 -2.78 -11.13
CA HIS B 215 -40.76 -3.45 -12.01
C HIS B 215 -42.03 -3.77 -11.24
N ASP B 216 -43.15 -3.74 -11.95
CA ASP B 216 -44.44 -4.06 -11.34
C ASP B 216 -44.59 -5.58 -11.26
N PRO B 217 -44.79 -6.15 -10.07
CA PRO B 217 -44.90 -7.62 -9.97
C PRO B 217 -46.24 -8.17 -10.42
N ARG B 218 -47.22 -7.32 -10.75
CA ARG B 218 -48.51 -7.80 -11.23
C ARG B 218 -48.40 -8.42 -12.62
N THR B 219 -47.50 -7.91 -13.46
CA THR B 219 -47.33 -8.38 -14.82
C THR B 219 -46.12 -9.30 -14.96
N SER B 220 -45.60 -9.83 -13.86
CA SER B 220 -44.45 -10.73 -13.90
C SER B 220 -44.90 -12.14 -14.27
N ALA B 221 -44.00 -13.11 -14.14
CA ALA B 221 -44.33 -14.49 -14.48
C ALA B 221 -45.24 -15.11 -13.43
N CYS B 222 -44.74 -15.24 -12.20
CA CYS B 222 -45.52 -15.78 -11.09
C CYS B 222 -45.71 -14.78 -9.96
N SER B 223 -44.60 -14.19 -9.49
CA SER B 223 -44.57 -13.28 -8.33
C SER B 223 -45.17 -13.93 -7.09
N GLU B 224 -44.90 -15.21 -6.91
CA GLU B 224 -45.35 -15.95 -5.74
C GLU B 224 -44.40 -15.82 -4.57
N ILE B 225 -43.32 -15.04 -4.72
CA ILE B 225 -42.42 -14.75 -3.62
C ILE B 225 -43.14 -13.95 -2.54
N VAL B 226 -43.96 -12.98 -2.96
CA VAL B 226 -44.71 -12.14 -2.04
C VAL B 226 -46.19 -12.19 -2.43
N ASP B 227 -47.05 -11.88 -1.47
CA ASP B 227 -48.48 -11.79 -1.72
C ASP B 227 -48.81 -10.40 -2.25
N ILE B 228 -49.92 -10.30 -2.98
CA ILE B 228 -50.19 -9.14 -3.82
C ILE B 228 -50.53 -7.91 -2.97
N ASP B 229 -51.18 -8.09 -1.83
CA ASP B 229 -51.71 -6.96 -1.08
C ASP B 229 -50.64 -6.22 -0.27
N GLN B 230 -49.43 -6.75 -0.17
CA GLN B 230 -48.35 -6.10 0.57
C GLN B 230 -47.25 -5.58 -0.35
N VAL B 231 -47.62 -5.10 -1.53
CA VAL B 231 -46.69 -4.45 -2.44
C VAL B 231 -46.95 -2.94 -2.42
N GLU B 232 -45.87 -2.16 -2.36
CA GLU B 232 -45.94 -0.71 -2.31
C GLU B 232 -45.09 -0.12 -3.42
N ALA B 233 -45.39 1.13 -3.77
CA ALA B 233 -44.60 1.90 -4.72
C ALA B 233 -44.16 3.19 -4.06
N ILE B 234 -42.87 3.51 -4.15
CA ILE B 234 -42.30 4.69 -3.54
C ILE B 234 -41.40 5.39 -4.56
N ASN B 235 -40.79 6.49 -4.14
CA ASN B 235 -39.87 7.26 -4.97
C ASN B 235 -38.44 6.86 -4.65
N THR B 236 -37.61 6.79 -5.70
CA THR B 236 -36.23 6.37 -5.55
C THR B 236 -35.31 7.47 -5.05
N LYS B 237 -35.77 8.72 -5.03
CA LYS B 237 -34.93 9.81 -4.54
C LYS B 237 -34.69 9.69 -3.04
N GLU B 238 -35.71 9.31 -2.28
CA GLU B 238 -35.56 9.16 -0.83
C GLU B 238 -34.78 7.91 -0.46
N LEU B 239 -34.68 6.93 -1.35
CA LEU B 239 -33.91 5.72 -1.08
C LEU B 239 -32.48 5.80 -1.60
N ALA B 240 -32.22 6.63 -2.61
CA ALA B 240 -30.87 6.81 -3.11
C ALA B 240 -30.03 7.68 -2.19
N LEU B 241 -30.67 8.55 -1.41
CA LEU B 241 -29.97 9.50 -0.54
C LEU B 241 -29.86 8.99 0.90
N HIS B 242 -29.80 7.67 1.08
CA HIS B 242 -29.87 7.07 2.40
C HIS B 242 -28.49 6.74 2.94
N ASP B 243 -28.27 7.07 4.21
CA ASP B 243 -27.08 6.65 4.96
C ASP B 243 -27.30 5.23 5.50
N ASP B 244 -26.48 4.82 6.47
CA ASP B 244 -26.49 3.45 7.02
C ASP B 244 -26.17 2.44 5.91
N ILE B 245 -24.90 2.47 5.51
CA ILE B 245 -24.39 1.98 4.24
C ILE B 245 -24.67 0.50 3.93
N ASP B 246 -25.26 -0.25 4.87
CA ASP B 246 -25.77 -1.57 4.52
C ASP B 246 -26.85 -1.48 3.44
N GLU B 247 -27.74 -0.49 3.56
CA GLU B 247 -28.72 -0.25 2.52
C GLU B 247 -28.07 0.23 1.23
N GLN B 248 -26.95 0.96 1.34
CA GLN B 248 -26.19 1.33 0.15
C GLN B 248 -25.62 0.11 -0.56
N ASN B 249 -25.13 -0.87 0.22
CA ASN B 249 -24.66 -2.13 -0.35
C ASN B 249 -25.80 -2.90 -1.00
N ARG B 250 -26.98 -2.88 -0.38
CA ARG B 250 -28.15 -3.52 -0.99
C ARG B 250 -28.54 -2.82 -2.30
N PHE B 251 -28.43 -1.50 -2.33
CA PHE B 251 -28.78 -0.73 -3.52
C PHE B 251 -27.77 -1.03 -4.63
N SER B 252 -26.49 -1.16 -4.28
CA SER B 252 -25.48 -1.55 -5.26
C SER B 252 -25.71 -2.97 -5.76
N HIS B 253 -26.17 -3.86 -4.89
CA HIS B 253 -26.56 -5.22 -5.29
C HIS B 253 -27.69 -5.17 -6.32
N LEU B 254 -28.74 -4.39 -6.03
CA LEU B 254 -29.88 -4.30 -6.93
C LEU B 254 -29.49 -3.67 -8.26
N LEU B 255 -28.60 -2.67 -8.22
CA LEU B 255 -28.14 -2.05 -9.46
C LEU B 255 -27.27 -3.01 -10.27
N ARG B 256 -26.47 -3.85 -9.60
CA ARG B 256 -25.68 -4.84 -10.30
C ARG B 256 -26.56 -5.88 -10.99
N GLN B 257 -27.60 -6.36 -10.30
CA GLN B 257 -28.52 -7.29 -10.94
C GLN B 257 -29.29 -6.64 -12.08
N THR B 258 -29.67 -5.36 -11.92
CA THR B 258 -30.38 -4.65 -12.97
C THR B 258 -29.50 -4.46 -14.21
N LEU B 259 -28.22 -4.12 -14.00
CA LEU B 259 -27.30 -3.98 -15.13
C LEU B 259 -27.03 -5.33 -15.79
N ARG B 260 -26.94 -6.40 -14.99
CA ARG B 260 -26.74 -7.73 -15.55
C ARG B 260 -27.95 -8.19 -16.35
N TYR B 261 -29.15 -7.75 -15.97
CA TYR B 261 -30.34 -8.12 -16.73
C TYR B 261 -30.55 -7.24 -17.96
N GLN B 262 -30.15 -5.97 -17.89
CA GLN B 262 -30.46 -5.03 -18.97
C GLN B 262 -29.70 -5.37 -20.24
N THR B 263 -28.37 -5.34 -20.18
CA THR B 263 -27.55 -5.78 -21.31
C THR B 263 -27.15 -7.24 -21.09
N ASP B 264 -28.13 -8.12 -21.31
CA ASP B 264 -27.95 -9.54 -21.08
C ASP B 264 -27.94 -10.38 -22.35
N SER B 265 -28.36 -9.82 -23.49
CA SER B 265 -28.45 -10.60 -24.71
C SER B 265 -27.07 -10.97 -25.25
N ASP B 266 -26.30 -9.97 -25.66
CA ASP B 266 -24.95 -10.21 -26.17
C ASP B 266 -23.89 -10.04 -25.09
N LEU B 267 -24.08 -10.62 -23.92
CA LEU B 267 -23.12 -10.47 -22.83
C LEU B 267 -23.11 -11.73 -21.98
N GLY B 268 -22.04 -11.87 -21.20
CA GLY B 268 -21.92 -12.90 -20.20
C GLY B 268 -21.25 -12.37 -18.95
N TRP B 269 -21.69 -12.86 -17.78
CA TRP B 269 -21.22 -12.37 -16.50
C TRP B 269 -20.28 -13.39 -15.86
N ASP B 270 -19.12 -12.93 -15.41
CA ASP B 270 -18.14 -13.80 -14.79
C ASP B 270 -18.57 -14.15 -13.36
N LYS B 271 -18.01 -15.24 -12.84
CA LYS B 271 -18.26 -15.67 -11.49
C LYS B 271 -17.09 -15.38 -10.55
N ASP B 272 -15.87 -15.33 -11.07
CA ASP B 272 -14.68 -15.09 -10.26
C ASP B 272 -14.16 -13.66 -10.38
N HIS B 273 -13.89 -13.19 -11.60
CA HIS B 273 -13.33 -11.87 -11.80
C HIS B 273 -14.39 -10.79 -11.98
N LYS B 274 -15.67 -11.17 -12.13
CA LYS B 274 -16.82 -10.27 -12.17
C LYS B 274 -16.70 -9.24 -13.31
N ALA B 275 -16.71 -9.75 -14.54
CA ALA B 275 -16.67 -8.91 -15.72
C ALA B 275 -17.79 -9.30 -16.68
N LEU B 276 -18.05 -8.42 -17.65
CA LEU B 276 -19.09 -8.60 -18.65
C LEU B 276 -18.43 -8.78 -20.01
N TYR B 277 -18.28 -10.02 -20.44
CA TYR B 277 -17.59 -10.34 -21.68
C TYR B 277 -18.58 -10.53 -22.82
N PHE B 278 -18.11 -10.23 -24.03
CA PHE B 278 -18.94 -10.42 -25.21
C PHE B 278 -19.08 -11.90 -25.54
N ARG B 279 -20.27 -12.29 -26.01
CA ARG B 279 -20.52 -13.67 -26.40
C ARG B 279 -21.57 -13.74 -27.51
N SER B 286 -15.62 -13.93 -35.37
CA SER B 286 -15.24 -12.71 -34.66
C SER B 286 -16.06 -11.53 -35.13
N ARG B 287 -16.49 -10.70 -34.18
CA ARG B 287 -17.28 -9.51 -34.46
C ARG B 287 -16.41 -8.27 -34.32
N ASN B 288 -16.39 -7.43 -35.35
CA ASN B 288 -15.64 -6.18 -35.27
C ASN B 288 -16.37 -5.15 -34.42
N PHE B 289 -17.70 -5.12 -34.51
CA PHE B 289 -18.57 -4.19 -33.77
C PHE B 289 -18.20 -2.73 -34.07
N ALA B 290 -18.40 -2.35 -35.33
CA ALA B 290 -18.18 -0.96 -35.72
C ALA B 290 -19.27 -0.08 -35.14
N TYR B 291 -18.88 1.06 -34.57
CA TYR B 291 -19.81 2.00 -33.97
C TYR B 291 -19.61 3.38 -34.59
N THR B 292 -20.70 4.14 -34.67
CA THR B 292 -20.67 5.45 -35.31
C THR B 292 -20.02 6.47 -34.39
N SER B 293 -18.98 7.14 -34.88
CA SER B 293 -18.31 8.19 -34.15
C SER B 293 -17.68 9.16 -35.14
N SER B 294 -17.41 10.37 -34.66
CA SER B 294 -16.81 11.40 -35.51
C SER B 294 -15.30 11.24 -35.65
N LYS B 295 -14.67 10.44 -34.79
CA LYS B 295 -13.22 10.26 -34.82
C LYS B 295 -12.87 9.06 -35.70
N LYS B 296 -11.61 8.62 -35.62
CA LYS B 296 -11.14 7.51 -36.43
C LYS B 296 -11.78 6.19 -35.97
N LYS B 297 -12.13 5.35 -36.95
CA LYS B 297 -12.77 4.08 -36.67
C LYS B 297 -11.77 3.08 -36.09
N THR B 298 -11.60 3.10 -34.77
CA THR B 298 -10.71 2.16 -34.09
C THR B 298 -11.57 1.03 -33.52
N ASP B 299 -11.85 0.05 -34.37
CA ASP B 299 -12.65 -1.11 -34.00
C ASP B 299 -11.83 -2.38 -34.21
N ALA B 300 -11.86 -3.28 -33.23
CA ALA B 300 -11.09 -4.51 -33.30
C ALA B 300 -11.97 -5.72 -32.97
N ASN B 301 -11.35 -6.88 -32.80
CA ASN B 301 -12.11 -8.09 -32.47
C ASN B 301 -12.58 -8.03 -31.03
N VAL B 302 -13.90 -8.21 -30.84
CA VAL B 302 -14.48 -8.18 -29.50
C VAL B 302 -15.11 -9.50 -29.09
N VAL B 303 -15.39 -10.40 -30.02
CA VAL B 303 -15.96 -11.71 -29.68
C VAL B 303 -14.99 -12.81 -30.06
N VAL B 318 -9.30 -16.72 -27.81
CA VAL B 318 -10.08 -15.62 -28.38
C VAL B 318 -10.01 -14.41 -27.46
N ARG B 319 -9.60 -13.28 -28.01
CA ARG B 319 -9.41 -12.05 -27.24
C ARG B 319 -10.73 -11.29 -27.20
N HIS B 320 -11.41 -11.36 -26.07
CA HIS B 320 -12.66 -10.64 -25.87
C HIS B 320 -12.38 -9.23 -25.36
N HIS B 321 -13.46 -8.50 -25.07
CA HIS B 321 -13.38 -7.22 -24.40
C HIS B 321 -14.41 -7.21 -23.28
N ALA B 322 -13.99 -6.87 -22.07
CA ALA B 322 -14.88 -6.94 -20.93
C ALA B 322 -14.59 -5.76 -20.01
N PHE B 323 -15.49 -5.53 -19.07
CA PHE B 323 -15.29 -4.45 -18.11
C PHE B 323 -15.97 -4.80 -16.80
N SER B 324 -15.41 -4.33 -15.69
CA SER B 324 -16.03 -4.59 -14.40
C SER B 324 -16.77 -3.35 -13.91
N PRO B 325 -18.10 -3.43 -13.88
CA PRO B 325 -18.91 -2.29 -13.41
C PRO B 325 -18.92 -2.18 -11.90
N ARG B 326 -18.73 -0.97 -11.38
CA ARG B 326 -18.76 -0.76 -9.94
C ARG B 326 -19.64 0.44 -9.60
N PHE B 327 -20.55 0.29 -8.66
CA PHE B 327 -21.47 1.38 -8.34
C PHE B 327 -21.01 2.18 -7.12
N GLU B 328 -20.90 3.49 -7.27
CA GLU B 328 -20.49 4.35 -6.17
C GLU B 328 -21.30 5.63 -6.18
N LEU B 329 -21.80 6.03 -5.02
CA LEU B 329 -22.60 7.25 -4.95
C LEU B 329 -21.69 8.38 -4.45
N MET B 330 -21.40 9.33 -5.33
CA MET B 330 -20.57 10.48 -4.96
C MET B 330 -21.39 11.75 -5.06
N ALA B 331 -21.28 12.57 -4.00
CA ALA B 331 -22.05 13.82 -3.82
C ALA B 331 -23.53 13.47 -3.89
N ASP B 332 -24.27 13.95 -4.88
CA ASP B 332 -25.68 13.62 -5.00
C ASP B 332 -25.98 12.62 -6.10
N GLN B 333 -24.96 12.06 -6.75
CA GLN B 333 -25.17 11.32 -7.99
C GLN B 333 -24.52 9.94 -7.92
N TRP B 334 -25.25 8.92 -8.33
CA TRP B 334 -24.69 7.58 -8.48
C TRP B 334 -23.75 7.52 -9.67
N TYR B 335 -22.84 6.56 -9.66
CA TYR B 335 -21.82 6.49 -10.69
C TYR B 335 -21.34 5.05 -10.85
N LEU B 336 -21.06 4.69 -12.10
CA LEU B 336 -20.49 3.40 -12.43
C LEU B 336 -19.00 3.57 -12.71
N ILE B 337 -18.18 2.73 -12.08
CA ILE B 337 -16.75 2.72 -12.34
C ILE B 337 -16.48 1.70 -13.44
N ILE B 338 -15.75 2.12 -14.47
CA ILE B 338 -15.46 1.27 -15.61
C ILE B 338 -14.00 0.84 -15.55
N THR B 339 -13.75 -0.45 -15.78
CA THR B 339 -12.43 -1.05 -15.78
C THR B 339 -12.35 -2.10 -16.89
N PRO B 340 -11.57 -1.85 -17.94
CA PRO B 340 -11.45 -2.81 -19.03
C PRO B 340 -10.54 -3.97 -18.70
N THR B 341 -10.82 -5.10 -19.33
CA THR B 341 -10.08 -6.34 -19.15
C THR B 341 -10.40 -7.26 -20.32
N TYR B 342 -9.75 -8.42 -20.34
CA TYR B 342 -9.96 -9.43 -21.37
C TYR B 342 -10.33 -10.75 -20.72
N TYR B 343 -11.32 -11.44 -21.30
CA TYR B 343 -11.68 -12.79 -20.90
C TYR B 343 -11.29 -13.73 -22.04
N TYR B 344 -10.50 -14.74 -21.72
CA TYR B 344 -9.93 -15.63 -22.73
C TYR B 344 -10.68 -16.96 -22.74
N THR B 345 -10.92 -17.47 -23.94
CA THR B 345 -11.65 -18.71 -24.12
C THR B 345 -11.15 -19.41 -25.39
N THR B 346 -11.21 -20.74 -25.39
CA THR B 346 -10.68 -21.50 -26.51
C THR B 346 -11.59 -21.40 -27.73
N ASN B 347 -12.90 -21.54 -27.54
CA ASN B 347 -13.84 -21.48 -28.66
C ASN B 347 -15.10 -20.68 -28.31
N GLY B 348 -15.08 -19.88 -27.25
CA GLY B 348 -16.23 -19.12 -26.83
C GLY B 348 -17.05 -19.78 -25.73
N TYR B 349 -16.89 -21.09 -25.54
CA TYR B 349 -17.63 -21.83 -24.51
C TYR B 349 -16.72 -22.55 -23.54
N ALA B 350 -15.62 -23.11 -24.02
CA ALA B 350 -14.65 -23.74 -23.12
C ALA B 350 -13.86 -22.66 -22.39
N PRO B 351 -13.67 -22.84 -21.08
CA PRO B 351 -12.96 -21.82 -20.29
C PRO B 351 -11.47 -21.81 -20.56
N HIS B 352 -10.78 -20.76 -20.10
CA HIS B 352 -9.33 -20.67 -20.29
C HIS B 352 -8.60 -21.65 -19.39
N GLN B 353 -7.29 -21.78 -19.57
CA GLN B 353 -6.51 -22.72 -18.77
C GLN B 353 -5.32 -22.02 -18.13
N PHE B 354 -4.47 -21.41 -18.95
CA PHE B 354 -3.27 -20.73 -18.46
C PHE B 354 -3.01 -19.44 -19.23
N ALA B 355 -4.06 -18.76 -19.67
CA ALA B 355 -3.94 -17.52 -20.42
C ALA B 355 -3.82 -16.30 -19.54
N ALA B 356 -3.73 -16.47 -18.22
CA ALA B 356 -3.56 -15.33 -17.32
C ALA B 356 -2.25 -14.55 -17.50
N PRO B 357 -1.06 -15.18 -17.69
CA PRO B 357 0.12 -14.35 -18.02
C PRO B 357 -0.01 -13.57 -19.32
N LEU B 358 -0.67 -14.15 -20.33
CA LEU B 358 -0.89 -13.41 -21.58
C LEU B 358 -1.88 -12.27 -21.37
N LEU B 359 -2.88 -12.48 -20.51
CA LEU B 359 -3.81 -11.40 -20.15
C LEU B 359 -3.08 -10.28 -19.43
N ALA B 360 -2.16 -10.62 -18.53
CA ALA B 360 -1.36 -9.61 -17.85
C ALA B 360 -0.45 -8.87 -18.82
N GLY B 361 0.14 -9.59 -19.78
CA GLY B 361 0.99 -8.96 -20.77
C GLY B 361 0.24 -8.03 -21.69
N LYS B 362 -1.00 -8.38 -22.04
CA LYS B 362 -1.83 -7.49 -22.84
C LYS B 362 -2.32 -6.31 -22.01
N LYS B 363 -2.51 -6.52 -20.71
CA LYS B 363 -2.83 -5.42 -19.81
C LYS B 363 -1.69 -4.42 -19.70
N ARG B 364 -0.44 -4.90 -19.66
CA ARG B 364 0.70 -4.02 -19.50
C ARG B 364 0.99 -3.21 -20.77
N LEU B 365 -0.05 -2.91 -21.54
CA LEU B 365 0.13 -2.13 -22.75
C LEU B 365 -0.76 -0.89 -22.74
N ASP B 366 -0.20 0.25 -22.37
CA ASP B 366 -1.00 1.47 -22.29
C ASP B 366 -0.11 2.65 -22.68
N LYS B 367 -0.49 3.36 -23.75
CA LYS B 367 0.23 4.55 -24.19
C LYS B 367 -0.78 5.66 -24.50
N SER B 368 -1.72 5.84 -23.56
CA SER B 368 -2.77 6.88 -23.60
C SER B 368 -3.70 6.75 -24.80
N ALA B 369 -3.75 5.56 -25.42
CA ALA B 369 -4.66 5.33 -26.53
C ALA B 369 -5.44 4.04 -26.33
N ALA B 370 -4.84 3.08 -25.63
CA ALA B 370 -5.42 1.75 -25.48
C ALA B 370 -6.55 1.69 -24.45
N LEU B 371 -6.66 2.69 -23.57
CA LEU B 371 -7.69 2.70 -22.53
C LEU B 371 -8.81 3.69 -22.81
N ARG B 372 -8.47 4.89 -23.31
CA ARG B 372 -9.48 5.88 -23.64
C ARG B 372 -10.38 5.40 -24.77
N GLY B 373 -9.79 4.70 -25.75
CA GLY B 373 -10.60 4.13 -26.82
C GLY B 373 -11.55 3.05 -26.33
N GLN B 374 -11.10 2.23 -25.37
CA GLN B 374 -11.97 1.21 -24.80
C GLN B 374 -13.10 1.84 -23.99
N VAL B 375 -12.80 2.91 -23.25
CA VAL B 375 -13.84 3.63 -22.51
C VAL B 375 -14.85 4.25 -23.46
N ILE B 376 -14.36 4.81 -24.57
CA ILE B 376 -15.24 5.40 -25.59
C ILE B 376 -16.12 4.32 -26.21
N MET B 377 -15.55 3.15 -26.50
CA MET B 377 -16.30 2.04 -27.09
C MET B 377 -17.38 1.55 -26.14
N TRP B 378 -17.06 1.41 -24.86
CA TRP B 378 -18.07 0.94 -23.91
C TRP B 378 -19.14 1.99 -23.66
N HIS B 379 -18.77 3.28 -23.69
CA HIS B 379 -19.77 4.34 -23.58
C HIS B 379 -20.71 4.34 -24.79
N ARG B 380 -20.16 4.14 -25.99
CA ARG B 380 -21.00 4.08 -27.19
C ARG B 380 -21.90 2.86 -27.20
N PHE B 381 -21.42 1.74 -26.65
CA PHE B 381 -22.29 0.57 -26.55
C PHE B 381 -23.38 0.77 -25.52
N LEU B 382 -23.05 1.39 -24.38
CA LEU B 382 -24.04 1.55 -23.31
C LEU B 382 -25.05 2.65 -23.61
N THR B 383 -24.70 3.62 -24.46
CA THR B 383 -25.63 4.71 -24.77
C THR B 383 -26.82 4.23 -25.59
N GLN B 384 -26.62 3.24 -26.45
CA GLN B 384 -27.69 2.72 -27.30
C GLN B 384 -28.74 1.97 -26.48
N ALA B 399 -35.42 -0.70 -21.34
CA ALA B 399 -34.29 -0.20 -20.56
C ALA B 399 -34.79 0.64 -19.38
N TYR B 400 -34.35 0.29 -18.18
CA TYR B 400 -34.76 0.99 -16.97
C TYR B 400 -33.68 1.89 -16.41
N LEU B 401 -32.44 1.78 -16.89
CA LEU B 401 -31.34 2.62 -16.42
C LEU B 401 -30.77 3.40 -17.60
N MET B 402 -30.76 4.72 -17.48
CA MET B 402 -30.22 5.61 -18.50
C MET B 402 -28.80 6.01 -18.14
N PHE B 403 -27.89 5.87 -19.10
CA PHE B 403 -26.47 6.11 -18.89
C PHE B 403 -26.07 7.41 -19.59
N GLY B 404 -25.35 8.27 -18.88
CA GLY B 404 -24.95 9.56 -19.41
C GLY B 404 -23.58 9.52 -20.06
N GLU B 405 -23.04 10.71 -20.29
CA GLU B 405 -21.72 10.86 -20.90
C GLU B 405 -20.65 10.95 -19.83
N PRO B 406 -19.58 10.13 -19.92
CA PRO B 406 -18.51 10.23 -18.94
C PRO B 406 -17.75 11.53 -19.08
N PRO B 407 -17.21 12.09 -17.98
CA PRO B 407 -16.49 13.36 -18.02
C PRO B 407 -15.14 13.26 -18.73
MG MG E . 16.01 -1.88 5.99
#